data_5MUP
#
_entry.id   5MUP
#
_cell.length_a   1.000
_cell.length_b   1.000
_cell.length_c   1.000
_cell.angle_alpha   90.00
_cell.angle_beta   90.00
_cell.angle_gamma   90.00
#
loop_
_entity.id
_entity.type
_entity.pdbx_description
1 polymer VP1
2 polymer VP2
3 polymer VP3
4 non-polymer "URIDINE-5'-MONOPHOSPHATE"
#
loop_
_entity_poly.entity_id
_entity_poly.type
_entity_poly.pdbx_seq_one_letter_code
_entity_poly.pdbx_strand_id
1 'polypeptide(L)'
;GEESRNTTVLDTTTTLQSSGFGRAFFGEAFNDLKTLMRRYQLYGQLLLSVTTDKDIDHCMFTFPCLPQGLALDIGSAGSP
HEIFNRCRDGIIPLIASGYRFYRGDLRYKIVFPSNVNSNIWVQHRPDRRLEGWSAAKIVNCDAVSTGQGVYNHGYASHIQ
ITRVNNVIELEVPFYNATCYNYLQAFNASSAASSYAVSLGEISVGFQATSDDIASIVNKPVTIYYSIGDGMQFSQWVGYQ
PMMILDQLPAPVVRAVPE
;
A
2 'polypeptide(L)'
;MDNPNPGPDGEGEVELEKDSNVVLTTQRDPSTSIPAPVSVKWSRWTSNDVVDDYATITSRWYQIAEFVWSKDDPFDKELA
RLILPRALLSSIEANSDAICDVPNTIPFKVHAYWRGDMEVRVQINSNKFQVGQLQATWYYSDHENLNISSKRSVYGFSQM
DHALISASASNEAKLVIPFKHVYPFLPTRIVPDWTTGILDMGALNIRVIAPLRMSATGPTTCNVVVFIKLNNSEFTGTSS
GKFYASQIRAKPE
;
B
3 'polypeptide(L)'
;DNPSYQQSPRHFVPTGMHSLALGTNLVEPLHALRLDAAGTTQHPVGCAPDEDMTVSSIASRYGLIRRVQWKKDHAKGSLL
LQLDADPFVEQRIEGTNPISLYWFAPVGVVSSMFMQWRGSLEYRFDIIASQFHTGRLIVGYVPGLTASLQLQMDYMKLKS
SSYVVFDLQESNSFTFEVPYVSYRPWWVRKYGGNYLPSSTDAPSTLFMYVQVPLIPMEAVSDTIDINVYVRGGSSFEVCV
PVQPSLGLNWNTDFILRNDEEYRAKTGYAPYYAGVWHSFNNSNSLVFRWGSASDQIAQWPTISVPRGELAFLRIKDGKQA
AVGTQPWRTMVVWPSGHGYNIGIPTYNAERARQLAQHLYGGGSLTDEKAKQLFVPANQQGPGKVSNGNPVWEVMRAPLAT
QRAHIQDFEFIEAIPE
;
C
#
loop_
_chem_comp.id
_chem_comp.type
_chem_comp.name
_chem_comp.formula
U5P non-polymer URIDINE-5'-MONOPHOSPHATE 'C9 H13 N2 O9 P'
#
# COMPACT_ATOMS: atom_id res chain seq x y z
N GLU A 2 16.66 -16.34 -1.32
CA GLU A 2 16.65 -15.01 -0.77
C GLU A 2 16.28 -14.05 -1.89
N GLU A 3 15.67 -12.92 -1.52
CA GLU A 3 15.16 -11.99 -2.52
C GLU A 3 16.28 -11.29 -3.27
N SER A 4 17.06 -10.47 -2.59
CA SER A 4 18.02 -9.62 -3.26
C SER A 4 19.37 -10.29 -3.46
N ARG A 5 19.41 -11.63 -3.49
CA ARG A 5 20.65 -12.31 -3.79
C ARG A 5 20.99 -12.10 -5.26
N ASN A 6 22.25 -12.28 -5.59
CA ASN A 6 22.76 -11.91 -6.91
C ASN A 6 23.90 -12.86 -7.25
N THR A 7 23.60 -13.85 -8.10
CA THR A 7 24.53 -14.97 -8.27
C THR A 7 25.64 -14.62 -9.26
N THR A 8 25.27 -14.41 -10.53
CA THR A 8 26.27 -14.32 -11.59
C THR A 8 26.01 -13.00 -12.33
N VAL A 9 26.73 -11.95 -11.93
CA VAL A 9 26.57 -10.66 -12.57
C VAL A 9 27.26 -10.69 -13.92
N LEU A 10 26.50 -10.38 -14.97
CA LEU A 10 27.00 -10.42 -16.33
C LEU A 10 26.98 -9.02 -16.88
N ASP A 11 27.54 -8.11 -16.08
CA ASP A 11 27.62 -6.70 -16.42
C ASP A 11 28.38 -6.44 -17.71
N THR A 12 27.85 -5.53 -18.51
CA THR A 12 28.54 -4.99 -19.67
C THR A 12 28.98 -3.55 -19.45
N THR A 13 28.45 -2.90 -18.43
CA THR A 13 28.58 -1.46 -18.29
C THR A 13 29.96 -1.06 -17.77
N THR A 14 30.36 0.17 -18.12
CA THR A 14 31.46 0.82 -17.44
C THR A 14 30.92 1.65 -16.28
N THR A 15 31.79 2.49 -15.73
CA THR A 15 31.39 3.31 -14.59
C THR A 15 30.55 4.49 -15.06
N LEU A 16 29.33 4.58 -14.54
CA LEU A 16 28.47 5.73 -14.76
C LEU A 16 28.72 6.76 -13.67
N GLN A 17 28.78 8.03 -14.06
CA GLN A 17 29.03 9.07 -13.09
C GLN A 17 27.82 9.29 -12.19
N SER A 18 28.05 9.17 -10.88
CA SER A 18 26.97 9.35 -9.92
C SER A 18 26.74 10.83 -9.65
N SER A 19 25.55 11.30 -10.00
CA SER A 19 25.18 12.69 -9.79
C SER A 19 24.75 12.98 -8.35
N GLY A 20 24.71 11.98 -7.49
CA GLY A 20 24.28 12.20 -6.12
C GLY A 20 22.81 12.48 -5.99
N PHE A 21 21.97 11.81 -6.80
CA PHE A 21 20.52 11.97 -6.81
C PHE A 21 20.12 13.41 -7.11
N GLY A 22 20.65 13.94 -8.21
CA GLY A 22 20.32 15.27 -8.63
C GLY A 22 21.10 16.36 -7.95
N ARG A 23 22.06 16.02 -7.10
CA ARG A 23 22.87 17.04 -6.44
C ARG A 23 23.73 17.78 -7.44
N ALA A 24 24.41 17.06 -8.32
CA ALA A 24 25.36 17.69 -9.23
C ALA A 24 24.68 18.44 -10.37
N PHE A 25 23.36 18.34 -10.51
CA PHE A 25 22.64 19.14 -11.50
C PHE A 25 21.78 20.19 -10.83
N PHE A 26 21.01 19.84 -9.80
CA PHE A 26 19.97 20.74 -9.33
C PHE A 26 20.31 21.38 -8.00
N GLY A 27 21.46 21.04 -7.42
CA GLY A 27 21.82 21.58 -6.12
C GLY A 27 20.98 21.06 -4.99
N GLU A 28 20.45 19.84 -5.09
CA GLU A 28 19.60 19.27 -4.06
C GLU A 28 19.56 17.76 -4.19
N ALA A 29 19.30 17.10 -3.07
CA ALA A 29 19.34 15.65 -3.06
C ALA A 29 17.93 15.07 -3.08
N PHE A 30 17.82 13.86 -3.63
CA PHE A 30 16.57 13.12 -3.61
C PHE A 30 16.80 11.68 -3.21
N ASN A 31 17.90 11.38 -2.53
CA ASN A 31 18.16 10.02 -2.10
C ASN A 31 17.19 9.61 -1.02
N ASP A 32 16.98 10.47 -0.04
CA ASP A 32 16.09 10.19 1.07
C ASP A 32 14.66 10.51 0.67
N LEU A 33 13.77 9.55 0.89
CA LEU A 33 12.37 9.75 0.54
C LEU A 33 11.60 10.35 1.70
N LYS A 34 12.20 10.33 2.89
CA LYS A 34 11.60 10.95 4.07
C LYS A 34 11.47 12.47 3.91
N THR A 35 12.44 13.11 3.27
CA THR A 35 12.31 14.55 3.09
C THR A 35 11.46 14.91 1.88
N LEU A 36 11.15 13.94 1.03
CA LEU A 36 10.12 14.17 0.04
C LEU A 36 8.75 13.97 0.65
N MET A 37 8.68 13.22 1.74
CA MET A 37 7.40 12.92 2.35
C MET A 37 6.77 14.17 2.97
N ARG A 38 7.59 15.17 3.29
CA ARG A 38 7.15 16.39 3.96
C ARG A 38 6.74 17.48 2.99
N ARG A 39 6.72 17.22 1.69
CA ARG A 39 5.99 18.10 0.81
C ARG A 39 4.50 17.86 1.00
N TYR A 40 3.75 18.94 1.21
CA TYR A 40 2.35 18.83 1.55
C TYR A 40 1.52 18.28 0.39
N GLN A 41 0.62 17.37 0.73
CA GLN A 41 -0.23 16.69 -0.22
C GLN A 41 -1.68 16.90 0.20
N LEU A 42 -2.56 17.00 -0.79
CA LEU A 42 -4.00 17.06 -0.53
C LEU A 42 -4.47 15.80 0.17
N TYR A 43 -5.20 15.98 1.26
CA TYR A 43 -5.63 14.92 2.14
C TYR A 43 -7.09 14.58 1.91
N GLY A 44 -7.96 15.57 2.00
CA GLY A 44 -9.37 15.40 1.75
C GLY A 44 -10.01 16.75 1.54
N GLN A 45 -11.14 16.73 0.87
CA GLN A 45 -11.80 17.97 0.51
C GLN A 45 -13.28 17.78 0.71
N LEU A 46 -13.95 18.81 1.21
CA LEU A 46 -15.35 18.69 1.53
C LEU A 46 -16.11 19.91 1.03
N LEU A 47 -17.43 19.79 1.04
CA LEU A 47 -18.32 20.89 0.77
C LEU A 47 -19.29 20.98 1.93
N LEU A 48 -19.36 22.14 2.57
CA LEU A 48 -20.13 22.30 3.80
C LEU A 48 -21.63 22.23 3.53
N SER A 49 -22.29 21.25 4.14
CA SER A 49 -23.74 21.17 4.08
C SER A 49 -24.23 21.26 5.52
N VAL A 50 -24.40 22.49 6.00
CA VAL A 50 -24.93 22.69 7.34
C VAL A 50 -26.43 22.43 7.33
N THR A 51 -26.84 21.39 8.04
CA THR A 51 -28.21 20.90 7.97
C THR A 51 -29.03 21.39 9.16
N ASP A 55 -25.50 24.64 17.12
CA ASP A 55 -24.99 25.44 18.21
C ASP A 55 -23.59 25.93 17.85
N ILE A 56 -23.02 26.77 18.72
CA ILE A 56 -21.70 27.34 18.50
C ILE A 56 -20.62 26.28 18.58
N ASP A 57 -20.81 25.28 19.43
CA ASP A 57 -19.77 24.30 19.67
C ASP A 57 -19.96 22.99 18.93
N HIS A 58 -20.92 22.93 18.00
CA HIS A 58 -21.08 21.72 17.21
C HIS A 58 -19.91 21.56 16.26
N CYS A 59 -19.27 20.40 16.29
CA CYS A 59 -18.16 20.15 15.41
C CYS A 59 -18.64 20.06 13.96
N MET A 60 -18.11 20.95 13.13
CA MET A 60 -18.64 21.07 11.79
C MET A 60 -18.26 19.87 10.94
N PHE A 61 -17.00 19.44 11.00
CA PHE A 61 -16.66 18.18 10.39
C PHE A 61 -15.54 17.54 11.18
N THR A 62 -15.57 16.22 11.21
CA THR A 62 -14.57 15.42 11.89
C THR A 62 -13.85 14.59 10.85
N PHE A 63 -12.61 14.23 11.14
CA PHE A 63 -11.90 13.29 10.31
C PHE A 63 -10.86 12.56 11.15
N PRO A 64 -10.73 11.26 10.98
CA PRO A 64 -9.61 10.56 11.60
C PRO A 64 -8.32 11.00 10.96
N CYS A 65 -7.28 11.13 11.77
CA CYS A 65 -5.99 11.65 11.33
C CYS A 65 -5.03 10.46 11.18
N LEU A 66 -4.55 10.27 9.96
CA LEU A 66 -3.78 9.09 9.61
C LEU A 66 -2.95 9.36 8.36
N PRO A 67 -1.72 8.86 8.32
CA PRO A 67 -0.86 9.11 7.15
C PRO A 67 -1.12 8.15 6.03
N GLN A 68 -2.12 7.31 6.17
CA GLN A 68 -2.35 6.25 5.20
C GLN A 68 -3.06 6.76 3.97
N GLY A 69 -3.55 8.00 4.02
CA GLY A 69 -4.52 8.44 3.04
C GLY A 69 -5.91 7.97 3.41
N LEU A 70 -6.92 8.81 3.25
CA LEU A 70 -8.26 8.41 3.66
C LEU A 70 -8.86 7.40 2.69
N ALA A 71 -9.99 6.83 3.10
CA ALA A 71 -10.86 6.17 2.15
C ALA A 71 -11.30 7.19 1.12
N LEU A 72 -10.88 6.97 -0.12
CA LEU A 72 -10.95 8.00 -1.15
C LEU A 72 -12.40 8.27 -1.53
N ASP A 73 -12.79 9.53 -1.45
CA ASP A 73 -14.14 9.99 -1.80
C ASP A 73 -14.04 10.63 -3.18
N ILE A 74 -14.44 9.86 -4.20
CA ILE A 74 -14.63 10.45 -5.52
C ILE A 74 -15.81 11.40 -5.49
N GLY A 75 -16.93 10.96 -4.94
CA GLY A 75 -18.16 11.72 -4.98
C GLY A 75 -19.27 10.92 -5.64
N SER A 76 -20.38 11.61 -5.90
CA SER A 76 -21.49 10.97 -6.59
C SER A 76 -21.22 10.91 -8.08
N ALA A 77 -22.20 10.38 -8.82
CA ALA A 77 -22.05 10.27 -10.26
C ALA A 77 -22.11 11.63 -10.95
N GLY A 78 -22.77 12.60 -10.31
CA GLY A 78 -22.94 13.90 -10.95
C GLY A 78 -21.75 14.82 -10.77
N SER A 79 -21.29 14.98 -9.53
CA SER A 79 -20.21 15.92 -9.21
C SER A 79 -19.07 15.16 -8.53
N PRO A 80 -18.18 14.55 -9.30
CA PRO A 80 -17.01 13.93 -8.69
C PRO A 80 -15.98 14.98 -8.32
N HIS A 81 -15.29 14.74 -7.21
CA HIS A 81 -14.14 15.57 -6.83
C HIS A 81 -13.07 15.27 -7.86
N GLU A 82 -12.81 16.25 -8.73
CA GLU A 82 -12.16 15.98 -10.02
C GLU A 82 -10.72 15.53 -9.86
N ILE A 83 -10.07 15.90 -8.76
CA ILE A 83 -8.74 15.34 -8.50
C ILE A 83 -8.86 13.91 -7.99
N PHE A 84 -9.77 13.64 -7.06
CA PHE A 84 -9.88 12.30 -6.53
C PHE A 84 -10.53 11.35 -7.52
N ASN A 85 -11.31 11.88 -8.46
CA ASN A 85 -11.74 11.02 -9.55
C ASN A 85 -10.60 10.79 -10.52
N ARG A 86 -9.90 11.85 -10.92
CA ARG A 86 -8.89 11.70 -11.95
C ARG A 86 -7.55 11.28 -11.38
N CYS A 87 -6.96 12.11 -10.52
CA CYS A 87 -5.57 11.95 -10.11
C CYS A 87 -5.52 11.23 -8.77
N ARG A 88 -5.22 9.95 -8.84
CA ARG A 88 -5.49 9.03 -7.74
C ARG A 88 -4.38 9.09 -6.69
N ASP A 89 -4.75 9.50 -5.47
CA ASP A 89 -4.05 9.23 -4.21
C ASP A 89 -2.71 9.91 -3.97
N GLY A 90 -2.07 10.45 -4.97
CA GLY A 90 -0.87 11.24 -4.74
C GLY A 90 0.32 10.41 -4.29
N ILE A 91 1.12 11.00 -3.40
CA ILE A 91 2.46 10.51 -3.11
C ILE A 91 2.50 9.71 -1.82
N ILE A 92 2.00 10.29 -0.73
CA ILE A 92 2.25 9.73 0.60
C ILE A 92 1.59 8.37 0.83
N PRO A 93 0.36 8.09 0.35
CA PRO A 93 -0.09 6.70 0.43
C PRO A 93 0.48 5.83 -0.67
N LEU A 94 1.08 6.43 -1.69
CA LEU A 94 1.79 5.61 -2.65
C LEU A 94 3.09 5.09 -2.08
N ILE A 95 3.67 5.82 -1.12
CA ILE A 95 4.80 5.29 -0.38
C ILE A 95 4.33 4.45 0.80
N ALA A 96 3.25 4.85 1.46
CA ALA A 96 2.73 4.10 2.59
C ALA A 96 2.12 2.77 2.16
N SER A 97 1.78 2.63 0.89
CA SER A 97 1.45 1.31 0.36
C SER A 97 2.67 0.41 0.36
N GLY A 98 3.86 0.98 0.33
CA GLY A 98 5.07 0.20 0.40
C GLY A 98 5.59 -0.08 1.79
N TYR A 99 4.78 0.07 2.83
CA TYR A 99 5.23 -0.24 4.18
C TYR A 99 4.09 -0.84 4.97
N ARG A 100 4.36 -1.17 6.22
CA ARG A 100 3.34 -1.77 7.06
C ARG A 100 3.17 -1.09 8.41
N PHE A 101 4.23 -0.55 9.00
CA PHE A 101 4.05 0.15 10.24
C PHE A 101 4.51 1.58 10.04
N TYR A 102 4.03 2.48 10.90
CA TYR A 102 4.56 3.83 10.96
C TYR A 102 4.62 4.23 12.42
N ARG A 103 5.56 5.11 12.74
CA ARG A 103 5.59 5.71 14.06
C ARG A 103 6.07 7.14 13.85
N GLY A 104 5.18 8.10 14.02
CA GLY A 104 5.59 9.48 13.87
C GLY A 104 4.43 10.44 14.04
N ASP A 105 4.71 11.69 13.68
CA ASP A 105 3.75 12.78 13.79
C ASP A 105 3.12 13.05 12.44
N LEU A 106 2.24 14.06 12.40
CA LEU A 106 1.71 14.60 11.16
C LEU A 106 1.56 16.11 11.30
N ARG A 107 1.41 16.76 10.16
CA ARG A 107 1.10 18.18 10.08
C ARG A 107 -0.14 18.33 9.23
N TYR A 108 -0.90 19.41 9.42
CA TYR A 108 -2.08 19.47 8.57
C TYR A 108 -2.27 20.70 7.69
N LYS A 109 -2.20 21.92 8.23
CA LYS A 109 -2.38 23.16 7.48
C LYS A 109 -3.73 23.18 6.75
N ILE A 110 -4.81 23.19 7.54
CA ILE A 110 -6.16 23.22 6.99
C ILE A 110 -6.41 24.58 6.34
N VAL A 111 -6.89 24.57 5.11
CA VAL A 111 -7.15 25.79 4.36
C VAL A 111 -8.64 26.04 4.35
N PHE A 112 -9.08 27.12 4.99
CA PHE A 112 -10.49 27.44 5.05
C PHE A 112 -10.90 28.28 3.84
N PRO A 113 -12.19 28.47 3.60
CA PRO A 113 -12.59 29.46 2.59
C PRO A 113 -12.42 30.87 3.13
N SER A 114 -12.60 31.84 2.24
CA SER A 114 -12.34 33.22 2.61
C SER A 114 -13.59 33.95 3.08
N ASN A 115 -14.74 33.60 2.52
CA ASN A 115 -15.97 34.35 2.76
C ASN A 115 -16.46 34.16 4.19
N VAL A 116 -16.11 33.03 4.81
CA VAL A 116 -16.38 32.84 6.22
C VAL A 116 -15.51 33.78 7.04
N ASN A 117 -16.02 34.23 8.18
CA ASN A 117 -15.26 35.08 9.07
C ASN A 117 -15.09 34.52 10.46
N SER A 118 -15.99 33.65 10.90
CA SER A 118 -16.09 33.30 12.31
C SER A 118 -14.89 32.49 12.78
N ASN A 119 -14.59 32.60 14.07
CA ASN A 119 -13.42 31.97 14.64
C ASN A 119 -13.60 30.46 14.68
N ILE A 120 -12.51 29.72 14.53
CA ILE A 120 -12.57 28.29 14.31
C ILE A 120 -11.76 27.56 15.35
N TRP A 121 -12.36 26.55 15.98
CA TRP A 121 -11.64 25.69 16.90
C TRP A 121 -11.36 24.34 16.28
N VAL A 122 -10.23 23.76 16.66
CA VAL A 122 -9.72 22.51 16.13
C VAL A 122 -9.32 21.64 17.32
N GLN A 123 -9.91 20.45 17.41
CA GLN A 123 -9.61 19.53 18.49
C GLN A 123 -8.86 18.31 17.98
N HIS A 124 -7.87 17.88 18.76
CA HIS A 124 -7.22 16.59 18.58
C HIS A 124 -7.72 15.62 19.64
N ARG A 125 -8.32 14.53 19.21
CA ARG A 125 -8.90 13.55 20.12
C ARG A 125 -8.21 12.20 19.93
N PRO A 126 -7.20 11.90 20.74
CA PRO A 126 -6.57 10.58 20.64
C PRO A 126 -7.40 9.46 21.24
N ASP A 127 -8.52 9.79 21.89
CA ASP A 127 -9.41 8.76 22.43
C ASP A 127 -10.04 7.94 21.32
N ARG A 128 -10.61 8.62 20.33
CA ARG A 128 -11.52 7.98 19.39
C ARG A 128 -10.80 7.02 18.47
N ARG A 129 -11.23 5.78 18.48
CA ARG A 129 -10.64 4.75 17.65
C ARG A 129 -11.12 4.89 16.21
N LEU A 130 -10.48 4.17 15.31
CA LEU A 130 -10.99 4.01 13.96
C LEU A 130 -11.60 2.63 13.80
N GLU A 131 -12.80 2.57 13.23
CA GLU A 131 -13.61 1.36 13.29
C GLU A 131 -13.69 0.73 11.90
N GLY A 132 -12.56 0.67 11.24
CA GLY A 132 -12.49 0.05 9.93
C GLY A 132 -12.37 1.06 8.82
N TRP A 133 -12.00 0.56 7.64
CA TRP A 133 -11.75 1.41 6.49
C TRP A 133 -13.01 2.06 5.98
N SER A 134 -14.15 1.38 6.13
CA SER A 134 -15.42 2.05 5.90
C SER A 134 -15.63 3.11 6.97
N ALA A 135 -16.09 4.28 6.53
CA ALA A 135 -16.23 5.49 7.35
C ALA A 135 -14.93 5.88 8.03
N ALA A 136 -13.80 5.63 7.37
CA ALA A 136 -12.53 6.24 7.75
C ALA A 136 -12.27 7.45 6.86
N LYS A 137 -13.16 8.43 6.99
CA LYS A 137 -13.17 9.55 6.07
C LYS A 137 -13.70 10.79 6.79
N ILE A 138 -13.75 11.89 6.07
CA ILE A 138 -14.26 13.13 6.63
C ILE A 138 -15.75 13.05 6.82
N VAL A 139 -16.21 13.31 8.05
CA VAL A 139 -17.60 13.14 8.41
C VAL A 139 -18.19 14.50 8.77
N ASN A 140 -19.16 14.94 7.99
CA ASN A 140 -19.87 16.17 8.28
C ASN A 140 -21.17 15.81 9.01
N GLY A 147 -21.25 12.57 22.82
CA GLY A 147 -20.35 13.62 23.21
C GLY A 147 -19.26 13.93 22.22
N GLN A 148 -19.19 13.16 21.13
CA GLN A 148 -18.33 13.50 20.00
C GLN A 148 -18.77 14.81 19.35
N GLY A 149 -20.08 14.99 19.14
CA GLY A 149 -20.64 16.03 18.31
C GLY A 149 -20.45 17.46 18.77
N VAL A 150 -19.79 17.71 19.89
CA VAL A 150 -19.62 19.05 20.43
C VAL A 150 -18.15 19.29 20.71
N TYR A 151 -17.85 20.52 21.16
CA TYR A 151 -16.54 20.86 21.68
C TYR A 151 -16.27 20.07 22.95
N ASN A 152 -15.02 19.73 23.21
CA ASN A 152 -14.69 19.09 24.47
C ASN A 152 -13.58 19.86 25.18
N HIS A 153 -13.55 19.76 26.50
CA HIS A 153 -12.64 20.57 27.30
C HIS A 153 -11.21 20.12 27.14
N GLY A 154 -10.92 18.90 27.57
CA GLY A 154 -9.57 18.60 28.03
C GLY A 154 -8.58 18.34 26.94
N TYR A 155 -9.04 18.03 25.73
CA TYR A 155 -8.15 17.62 24.66
C TYR A 155 -7.28 18.79 24.20
N ALA A 156 -6.28 18.45 23.40
CA ALA A 156 -5.45 19.48 22.78
C ALA A 156 -6.28 20.27 21.77
N SER A 157 -6.25 21.58 21.89
CA SER A 157 -7.14 22.44 21.13
C SER A 157 -6.33 23.54 20.49
N HIS A 158 -6.92 24.16 19.46
CA HIS A 158 -6.33 25.37 18.89
C HIS A 158 -7.41 26.14 18.16
N ILE A 159 -7.52 27.44 18.44
CA ILE A 159 -8.38 28.33 17.68
C ILE A 159 -7.53 29.12 16.70
N GLN A 160 -7.92 29.08 15.43
CA GLN A 160 -7.46 30.06 14.46
C GLN A 160 -8.57 31.07 14.22
N ILE A 161 -8.18 32.33 14.13
CA ILE A 161 -9.10 33.41 13.77
C ILE A 161 -9.11 33.50 12.25
N THR A 162 -10.31 33.41 11.68
CA THR A 162 -10.44 33.45 10.23
C THR A 162 -10.20 34.85 9.69
N ARG A 163 -10.51 35.87 10.49
CA ARG A 163 -10.35 37.26 10.07
C ARG A 163 -8.90 37.65 9.86
N VAL A 164 -7.96 37.04 10.57
CA VAL A 164 -6.56 37.37 10.42
C VAL A 164 -5.96 36.52 9.32
N ASN A 165 -6.04 35.21 9.46
CA ASN A 165 -5.51 34.32 8.43
C ASN A 165 -6.31 33.02 8.50
N ASN A 166 -6.96 32.67 7.40
CA ASN A 166 -7.85 31.52 7.38
C ASN A 166 -7.12 30.22 7.06
N VAL A 167 -6.05 29.94 7.80
CA VAL A 167 -5.36 28.66 7.71
C VAL A 167 -4.69 28.31 9.03
N ILE A 168 -5.04 27.14 9.57
CA ILE A 168 -4.44 26.70 10.81
C ILE A 168 -3.44 25.59 10.55
N GLU A 169 -2.20 25.80 10.94
CA GLU A 169 -1.14 24.81 10.79
C GLU A 169 -1.05 24.01 12.08
N LEU A 170 -1.06 22.68 11.94
CA LEU A 170 -1.12 21.84 13.12
C LEU A 170 0.13 21.00 13.25
N GLU A 171 0.16 20.22 14.32
CA GLU A 171 1.21 19.25 14.58
C GLU A 171 0.61 18.19 15.48
N VAL A 172 0.17 17.09 14.88
CA VAL A 172 -0.51 16.02 15.59
C VAL A 172 0.54 15.05 16.09
N PRO A 173 0.77 14.93 17.40
CA PRO A 173 1.84 14.07 17.89
C PRO A 173 1.43 12.61 17.85
N PHE A 174 2.31 11.76 18.36
CA PHE A 174 2.10 10.32 18.37
C PHE A 174 1.64 9.91 19.75
N TYR A 175 0.34 10.03 19.99
CA TYR A 175 -0.26 9.64 21.26
C TYR A 175 -0.96 8.32 21.06
N ASN A 176 -0.19 7.24 21.08
CA ASN A 176 -0.78 5.91 21.08
C ASN A 176 0.04 5.05 22.00
N ALA A 177 -0.61 4.02 22.53
CA ALA A 177 0.01 3.11 23.49
C ALA A 177 0.59 1.91 22.77
N THR A 178 1.31 2.19 21.69
CA THR A 178 1.73 1.13 20.80
C THR A 178 3.24 1.16 20.70
N CYS A 179 3.78 0.20 19.97
CA CYS A 179 5.11 0.37 19.42
C CYS A 179 5.04 1.26 18.19
N TYR A 180 4.17 0.90 17.26
CA TYR A 180 3.87 1.63 16.05
C TYR A 180 2.50 1.19 15.55
N ASN A 181 1.96 1.92 14.57
CA ASN A 181 0.58 1.73 14.15
C ASN A 181 0.49 1.06 12.78
N TYR A 182 -0.71 0.57 12.46
CA TYR A 182 -0.96 -0.03 11.17
C TYR A 182 -0.99 1.01 10.07
N LEU A 183 -0.79 0.57 8.83
CA LEU A 183 -0.61 1.53 7.75
C LEU A 183 -1.40 1.20 6.48
N GLN A 184 -1.70 -0.06 6.21
CA GLN A 184 -2.45 -0.36 5.00
C GLN A 184 -3.94 -0.11 5.24
N ALA A 185 -4.79 -0.59 4.34
CA ALA A 185 -6.22 -0.54 4.58
C ALA A 185 -6.58 -1.50 5.70
N PHE A 186 -7.57 -1.13 6.51
CA PHE A 186 -7.79 -1.75 7.80
C PHE A 186 -9.22 -2.23 7.92
N ASN A 187 -9.41 -3.53 8.19
CA ASN A 187 -10.72 -4.16 8.13
C ASN A 187 -11.40 -4.33 9.48
N ALA A 188 -10.88 -3.69 10.54
CA ALA A 188 -11.34 -3.80 11.93
C ALA A 188 -11.34 -5.25 12.39
N SER A 189 -10.16 -5.88 12.39
CA SER A 189 -10.06 -7.30 12.67
C SER A 189 -10.27 -7.58 14.15
N SER A 190 -9.37 -7.09 14.99
CA SER A 190 -9.54 -7.24 16.42
C SER A 190 -10.20 -5.99 17.00
N ALA A 191 -10.73 -6.12 18.21
CA ALA A 191 -11.48 -5.02 18.80
C ALA A 191 -10.56 -3.92 19.30
N ALA A 192 -9.40 -4.28 19.84
CA ALA A 192 -8.47 -3.26 20.30
C ALA A 192 -7.44 -2.89 19.25
N SER A 193 -7.32 -3.67 18.17
CA SER A 193 -6.48 -3.29 17.05
C SER A 193 -6.94 -2.00 16.39
N SER A 194 -8.22 -1.66 16.56
CA SER A 194 -8.78 -0.39 16.13
C SER A 194 -8.10 0.82 16.75
N TYR A 195 -7.41 0.68 17.89
CA TYR A 195 -6.64 1.81 18.40
C TYR A 195 -5.28 1.94 17.74
N ALA A 196 -5.03 1.19 16.69
CA ALA A 196 -3.71 1.05 16.10
C ALA A 196 -3.62 1.64 14.71
N VAL A 197 -4.50 2.57 14.37
CA VAL A 197 -4.53 3.06 13.01
C VAL A 197 -4.30 4.56 13.00
N SER A 198 -5.18 5.29 13.65
CA SER A 198 -5.12 6.74 13.57
C SER A 198 -4.16 7.29 14.60
N LEU A 199 -3.75 8.53 14.40
CA LEU A 199 -3.10 9.26 15.49
C LEU A 199 -4.12 9.82 16.46
N GLY A 200 -5.38 9.88 16.04
CA GLY A 200 -6.44 10.39 16.87
C GLY A 200 -7.67 10.66 16.04
N GLU A 201 -8.35 11.77 16.31
CA GLU A 201 -9.55 12.08 15.55
C GLU A 201 -9.79 13.59 15.62
N ILE A 202 -9.37 14.32 14.59
CA ILE A 202 -9.44 15.76 14.62
C ILE A 202 -10.85 16.21 14.29
N SER A 203 -11.35 17.20 15.01
CA SER A 203 -12.63 17.78 14.64
C SER A 203 -12.49 19.27 14.50
N VAL A 204 -12.87 19.79 13.35
CA VAL A 204 -12.91 21.22 13.09
C VAL A 204 -14.33 21.70 13.30
N GLY A 205 -14.48 22.75 14.10
CA GLY A 205 -15.77 23.34 14.31
C GLY A 205 -15.76 24.85 14.23
N PHE A 206 -16.70 25.41 13.49
CA PHE A 206 -16.89 26.85 13.45
C PHE A 206 -17.55 27.32 14.73
N GLN A 207 -17.52 28.64 14.94
CA GLN A 207 -18.27 29.27 16.01
C GLN A 207 -19.26 30.29 15.49
N ALA A 208 -19.93 29.99 14.38
CA ALA A 208 -20.94 30.90 13.85
C ALA A 208 -22.32 30.52 14.37
N THR A 209 -23.18 31.53 14.49
CA THR A 209 -24.57 31.33 14.83
C THR A 209 -25.37 30.91 13.60
N SER A 210 -26.67 30.69 13.80
CA SER A 210 -27.50 30.10 12.76
C SER A 210 -27.82 31.10 11.64
N ASP A 211 -27.74 32.39 11.92
CA ASP A 211 -28.01 33.37 10.87
C ASP A 211 -26.80 33.59 9.97
N ASP A 212 -25.59 33.30 10.47
CA ASP A 212 -24.38 33.44 9.69
C ASP A 212 -23.94 32.13 9.04
N ILE A 213 -24.43 30.99 9.55
CA ILE A 213 -23.93 29.69 9.12
C ILE A 213 -24.42 29.37 7.72
N ALA A 214 -25.48 30.05 7.26
CA ALA A 214 -25.99 29.80 5.91
C ALA A 214 -25.12 30.45 4.86
N SER A 215 -24.30 31.44 5.23
CA SER A 215 -23.32 31.96 4.29
C SER A 215 -22.15 30.99 4.10
N ILE A 216 -22.01 30.03 5.03
CA ILE A 216 -20.87 29.15 5.03
C ILE A 216 -21.18 27.85 4.31
N VAL A 217 -22.45 27.63 3.95
CA VAL A 217 -22.85 26.38 3.31
C VAL A 217 -22.30 26.30 1.90
N ASN A 218 -21.75 25.13 1.56
CA ASN A 218 -21.17 24.81 0.25
C ASN A 218 -19.99 25.70 -0.10
N LYS A 219 -19.06 25.84 0.84
CA LYS A 219 -17.77 26.44 0.58
C LYS A 219 -16.73 25.35 0.75
N PRO A 220 -15.65 25.34 -0.02
CA PRO A 220 -14.68 24.24 0.09
C PRO A 220 -13.75 24.43 1.27
N VAL A 221 -13.49 23.33 1.98
CA VAL A 221 -12.51 23.32 3.06
C VAL A 221 -11.49 22.25 2.71
N THR A 222 -10.31 22.66 2.25
CA THR A 222 -9.31 21.69 1.86
C THR A 222 -8.32 21.46 2.99
N ILE A 223 -7.94 20.19 3.16
CA ILE A 223 -7.04 19.78 4.22
C ILE A 223 -5.81 19.18 3.58
N TYR A 224 -4.63 19.58 4.04
CA TYR A 224 -3.38 19.05 3.51
C TYR A 224 -2.75 18.16 4.57
N TYR A 225 -1.60 17.54 4.25
CA TYR A 225 -0.86 16.81 5.27
C TYR A 225 0.56 16.53 4.80
N SER A 226 1.39 16.17 5.78
CA SER A 226 2.81 15.86 5.64
C SER A 226 3.28 15.33 6.99
N ILE A 227 4.43 14.64 6.99
CA ILE A 227 4.74 13.79 8.14
C ILE A 227 5.58 14.48 9.21
N GLY A 228 6.55 15.30 8.85
CA GLY A 228 7.23 16.13 9.84
C GLY A 228 8.19 15.50 10.84
N ASP A 229 9.37 15.07 10.37
CA ASP A 229 10.58 14.84 11.16
C ASP A 229 10.52 13.63 12.09
N GLY A 230 9.34 13.07 12.28
CA GLY A 230 9.29 11.97 13.21
C GLY A 230 8.84 10.67 12.63
N MET A 231 8.35 10.69 11.40
CA MET A 231 7.76 9.50 10.83
C MET A 231 8.85 8.50 10.46
N GLN A 232 8.65 7.25 10.87
CA GLN A 232 9.61 6.20 10.58
C GLN A 232 8.82 4.96 10.18
N PHE A 233 8.58 4.84 8.88
CA PHE A 233 7.95 3.64 8.35
C PHE A 233 8.91 2.46 8.52
N SER A 234 8.46 1.42 9.22
CA SER A 234 9.40 0.40 9.65
C SER A 234 9.47 -0.76 8.68
N GLN A 235 8.41 -1.55 8.53
CA GLN A 235 8.57 -2.84 7.86
C GLN A 235 8.34 -2.71 6.37
N TRP A 236 9.26 -3.25 5.58
CA TRP A 236 9.07 -3.22 4.13
C TRP A 236 8.03 -4.26 3.72
N VAL A 237 7.08 -3.80 2.92
CA VAL A 237 6.02 -4.60 2.34
C VAL A 237 5.85 -4.14 0.91
N GLY A 238 5.79 -5.08 -0.03
CA GLY A 238 5.78 -4.72 -1.43
C GLY A 238 4.51 -4.01 -1.85
N TYR A 239 4.57 -3.41 -3.03
CA TYR A 239 3.45 -2.61 -3.50
C TYR A 239 2.31 -3.47 -3.99
N GLN A 240 1.11 -2.95 -3.86
CA GLN A 240 -0.10 -3.61 -4.32
C GLN A 240 -0.22 -3.44 -5.84
N PRO A 241 -1.25 -4.00 -6.47
CA PRO A 241 -1.49 -3.63 -7.88
C PRO A 241 -1.83 -2.16 -8.03
N MET A 242 -1.25 -1.54 -9.05
CA MET A 242 -1.46 -0.14 -9.34
C MET A 242 -2.32 0.02 -10.57
N MET A 243 -2.76 1.25 -10.81
CA MET A 243 -3.53 1.60 -12.00
C MET A 243 -2.80 2.74 -12.70
N ILE A 244 -2.64 2.64 -14.02
CA ILE A 244 -1.91 3.69 -14.71
C ILE A 244 -2.87 4.79 -15.08
N LEU A 245 -2.46 6.03 -14.86
CA LEU A 245 -3.42 7.12 -14.90
C LEU A 245 -3.68 7.63 -16.30
N ASP A 246 -2.72 7.51 -17.21
CA ASP A 246 -2.96 8.01 -18.56
C ASP A 246 -3.80 7.06 -19.40
N GLN A 247 -4.18 5.90 -18.87
CA GLN A 247 -5.11 5.01 -19.53
C GLN A 247 -6.55 5.27 -19.07
N LEU A 248 -6.73 6.16 -18.11
CA LEU A 248 -8.07 6.53 -17.66
C LEU A 248 -8.81 7.27 -18.78
N PRO A 249 -10.08 6.97 -19.02
CA PRO A 249 -10.75 7.51 -20.22
C PRO A 249 -11.01 9.00 -20.12
N MET B 1 39.19 -30.18 -6.66
CA MET B 1 38.08 -29.50 -7.33
C MET B 1 37.07 -30.50 -7.88
N ASP B 2 35.86 -30.45 -7.36
CA ASP B 2 34.79 -31.34 -7.83
C ASP B 2 35.32 -32.76 -8.02
N ASN B 3 35.69 -33.39 -6.90
CA ASN B 3 36.25 -34.74 -6.89
C ASN B 3 35.25 -35.67 -6.23
N PRO B 4 34.38 -36.31 -7.00
CA PRO B 4 33.39 -37.20 -6.39
C PRO B 4 34.02 -38.51 -5.92
N ASN B 5 33.62 -38.92 -4.72
CA ASN B 5 33.84 -40.29 -4.25
C ASN B 5 32.65 -40.74 -3.41
N PRO B 6 31.55 -41.13 -4.06
CA PRO B 6 30.42 -41.66 -3.31
C PRO B 6 30.74 -43.01 -2.71
N GLY B 7 29.96 -43.40 -1.73
CA GLY B 7 30.17 -44.68 -1.10
C GLY B 7 28.96 -45.18 -0.36
N PRO B 8 29.18 -46.07 0.61
CA PRO B 8 28.09 -46.48 1.49
C PRO B 8 27.57 -45.35 2.35
N ASP B 9 28.41 -44.36 2.65
CA ASP B 9 27.97 -43.20 3.42
C ASP B 9 27.33 -42.15 2.53
N GLY B 10 27.42 -42.30 1.21
CA GLY B 10 27.05 -41.23 0.33
C GLY B 10 28.20 -40.26 0.18
N GLU B 11 27.98 -39.20 -0.61
CA GLU B 11 29.05 -38.26 -0.89
C GLU B 11 28.98 -37.03 0.00
N GLY B 12 27.80 -36.45 0.17
CA GLY B 12 27.69 -35.13 0.77
C GLY B 12 27.92 -35.14 2.26
N GLU B 13 28.10 -33.94 2.80
CA GLU B 13 28.26 -33.75 4.24
C GLU B 13 26.95 -33.24 4.83
N VAL B 14 26.54 -33.88 5.92
CA VAL B 14 25.26 -33.60 6.56
C VAL B 14 25.44 -32.42 7.49
N GLU B 15 24.56 -31.42 7.39
CA GLU B 15 24.50 -30.39 8.41
C GLU B 15 23.28 -30.60 9.28
N LEU B 16 23.26 -29.93 10.43
CA LEU B 16 22.30 -30.19 11.48
C LEU B 16 21.63 -28.90 11.91
N GLU B 17 20.56 -29.04 12.69
CA GLU B 17 20.21 -27.99 13.62
C GLU B 17 19.69 -28.60 14.91
N LYS B 18 20.60 -28.80 15.86
CA LYS B 18 20.23 -29.40 17.14
C LYS B 18 19.56 -28.37 18.03
N ASP B 19 18.46 -28.79 18.64
CA ASP B 19 17.74 -28.01 19.65
C ASP B 19 17.62 -28.88 20.89
N SER B 20 16.70 -28.54 21.80
CA SER B 20 16.49 -29.18 23.11
C SER B 20 16.57 -30.69 23.08
N ASN B 21 15.67 -31.33 22.35
CA ASN B 21 15.82 -32.75 22.07
C ASN B 21 15.30 -33.13 20.69
N VAL B 22 15.22 -32.17 19.77
CA VAL B 22 14.74 -32.42 18.41
C VAL B 22 15.83 -32.01 17.45
N VAL B 23 16.41 -32.99 16.75
CA VAL B 23 17.49 -32.75 15.80
C VAL B 23 16.98 -33.07 14.41
N LEU B 24 16.95 -32.07 13.55
CA LEU B 24 16.52 -32.29 12.17
C LEU B 24 17.65 -31.94 11.22
N THR B 25 17.78 -32.75 10.18
CA THR B 25 18.93 -32.73 9.30
C THR B 25 18.53 -32.20 7.92
N THR B 26 19.47 -31.54 7.26
CA THR B 26 19.29 -31.13 5.87
C THR B 26 20.54 -31.46 5.07
N GLN B 27 20.34 -32.12 3.93
CA GLN B 27 21.45 -32.28 2.99
C GLN B 27 21.79 -30.97 2.31
N ARG B 28 20.80 -30.12 2.08
CA ARG B 28 20.99 -28.92 1.29
C ARG B 28 21.13 -27.70 2.18
N ASP B 29 21.72 -26.66 1.61
CA ASP B 29 21.97 -25.43 2.34
C ASP B 29 20.71 -24.59 2.38
N PRO B 30 20.42 -23.90 3.48
CA PRO B 30 19.18 -23.12 3.54
C PRO B 30 19.31 -21.81 2.78
N SER B 31 18.18 -21.36 2.23
CA SER B 31 18.10 -20.03 1.63
C SER B 31 17.43 -19.08 2.63
N THR B 32 18.25 -18.59 3.56
CA THR B 32 17.76 -17.82 4.68
C THR B 32 17.31 -16.43 4.25
N SER B 33 16.21 -15.96 4.83
CA SER B 33 15.72 -14.61 4.55
C SER B 33 15.10 -14.05 5.81
N ILE B 34 15.63 -12.92 6.26
CA ILE B 34 15.32 -12.36 7.57
C ILE B 34 14.69 -10.99 7.36
N PRO B 35 13.39 -10.86 7.59
CA PRO B 35 12.71 -9.60 7.24
C PRO B 35 13.00 -8.44 8.17
N ALA B 36 13.57 -8.67 9.35
CA ALA B 36 13.68 -7.63 10.34
C ALA B 36 14.73 -8.02 11.37
N PRO B 37 15.36 -7.05 12.05
CA PRO B 37 16.38 -7.40 13.03
C PRO B 37 15.79 -8.02 14.28
N VAL B 38 16.68 -8.57 15.11
CA VAL B 38 16.24 -9.28 16.31
C VAL B 38 15.74 -8.28 17.33
N SER B 39 14.64 -8.64 18.01
CA SER B 39 13.91 -7.67 18.82
C SER B 39 14.40 -7.63 20.25
N VAL B 40 14.18 -6.48 20.89
CA VAL B 40 14.48 -6.31 22.30
C VAL B 40 13.34 -6.94 23.10
N LYS B 41 13.63 -7.32 24.35
CA LYS B 41 12.85 -8.33 25.04
C LYS B 41 11.48 -7.82 25.49
N TRP B 42 11.34 -6.51 25.77
CA TRP B 42 10.06 -5.84 26.09
C TRP B 42 9.36 -6.38 27.34
N SER B 43 10.02 -7.14 28.17
CA SER B 43 9.37 -7.61 29.39
C SER B 43 9.44 -6.58 30.51
N ARG B 44 10.26 -5.54 30.34
CA ARG B 44 10.41 -4.55 31.39
C ARG B 44 9.24 -3.58 31.41
N TRP B 45 8.71 -3.26 30.25
CA TRP B 45 7.77 -2.17 30.16
C TRP B 45 6.35 -2.54 30.56
N THR B 46 5.96 -3.80 30.46
CA THR B 46 4.55 -4.12 30.62
C THR B 46 4.26 -5.42 31.35
N SER B 47 5.11 -5.82 32.27
CA SER B 47 4.85 -7.07 32.99
C SER B 47 5.46 -7.02 34.39
N ASN B 48 4.60 -7.20 35.40
CA ASN B 48 5.09 -7.40 36.76
C ASN B 48 4.99 -8.85 37.19
N ASP B 49 4.17 -9.65 36.52
CA ASP B 49 4.07 -11.05 36.87
C ASP B 49 5.31 -11.77 36.37
N VAL B 50 5.52 -12.98 36.86
CA VAL B 50 6.79 -13.65 36.65
C VAL B 50 6.91 -14.11 35.20
N VAL B 51 7.83 -13.50 34.48
CA VAL B 51 8.11 -13.82 33.09
C VAL B 51 9.22 -14.86 33.05
N ASP B 52 8.92 -16.01 32.48
CA ASP B 52 9.93 -17.05 32.40
C ASP B 52 9.77 -17.74 31.06
N ASP B 53 10.77 -17.61 30.21
CA ASP B 53 10.83 -18.41 29.01
C ASP B 53 11.05 -19.88 29.36
N TYR B 54 10.75 -20.76 28.43
CA TYR B 54 10.97 -22.18 28.64
C TYR B 54 11.75 -22.73 27.46
N ALA B 55 13.07 -22.54 27.50
CA ALA B 55 13.90 -22.92 26.37
C ALA B 55 14.08 -24.42 26.27
N THR B 56 13.78 -25.15 27.34
CA THR B 56 13.85 -26.60 27.25
C THR B 56 12.66 -27.20 26.52
N ILE B 57 11.53 -26.50 26.44
CA ILE B 57 10.37 -27.06 25.75
C ILE B 57 9.90 -26.17 24.60
N THR B 58 9.96 -24.85 24.74
CA THR B 58 9.39 -24.00 23.69
C THR B 58 10.30 -23.90 22.47
N SER B 59 11.61 -24.01 22.65
CA SER B 59 12.50 -23.89 21.50
C SER B 59 12.64 -25.19 20.71
N ARG B 60 11.80 -26.18 20.97
CA ARG B 60 11.82 -27.38 20.14
C ARG B 60 11.13 -27.10 18.82
N TRP B 61 11.46 -27.88 17.79
CA TRP B 61 10.76 -27.78 16.54
C TRP B 61 9.42 -28.51 16.64
N TYR B 62 8.50 -28.17 15.74
CA TYR B 62 7.24 -28.90 15.68
C TYR B 62 6.70 -28.79 14.27
N GLN B 63 6.41 -29.93 13.67
CA GLN B 63 5.80 -29.96 12.35
C GLN B 63 4.35 -29.51 12.43
N ILE B 64 4.01 -28.50 11.65
CA ILE B 64 2.66 -27.94 11.68
C ILE B 64 1.89 -28.13 10.38
N ALA B 65 2.56 -28.30 9.25
CA ALA B 65 1.84 -28.57 8.01
C ALA B 65 2.73 -29.36 7.07
N GLU B 66 2.31 -30.58 6.74
CA GLU B 66 2.78 -31.23 5.55
C GLU B 66 1.65 -31.19 4.54
N PHE B 67 2.01 -31.18 3.27
CA PHE B 67 0.99 -31.25 2.22
C PHE B 67 1.59 -31.79 0.94
N VAL B 68 0.78 -32.59 0.24
CA VAL B 68 1.10 -32.98 -1.12
C VAL B 68 1.06 -31.74 -1.99
N TRP B 69 2.02 -31.63 -2.91
CA TRP B 69 2.01 -30.58 -3.91
C TRP B 69 2.15 -31.23 -5.29
N SER B 70 1.04 -31.31 -6.00
CA SER B 70 1.02 -31.95 -7.30
C SER B 70 1.42 -30.98 -8.39
N LYS B 71 1.67 -31.53 -9.58
CA LYS B 71 1.94 -30.69 -10.74
C LYS B 71 0.68 -30.06 -11.29
N ASP B 72 -0.48 -30.57 -10.91
CA ASP B 72 -1.73 -30.06 -11.45
C ASP B 72 -2.24 -28.85 -10.67
N ASP B 73 -1.53 -28.45 -9.62
CA ASP B 73 -1.78 -27.14 -9.02
C ASP B 73 -1.35 -26.07 -10.00
N PRO B 74 -2.14 -25.01 -10.18
CA PRO B 74 -1.85 -24.03 -11.24
C PRO B 74 -0.68 -23.13 -10.88
N PHE B 75 -0.49 -22.12 -11.72
CA PHE B 75 0.59 -21.15 -11.58
C PHE B 75 0.62 -20.43 -10.24
N ASP B 76 -0.38 -19.61 -9.93
CA ASP B 76 -0.39 -18.83 -8.69
C ASP B 76 -1.40 -19.46 -7.72
N LYS B 77 -0.99 -20.57 -7.15
CA LYS B 77 -1.87 -21.38 -6.30
C LYS B 77 -1.41 -21.23 -4.87
N GLU B 78 -2.35 -20.95 -3.98
CA GLU B 78 -2.02 -20.98 -2.56
C GLU B 78 -1.71 -22.42 -2.15
N LEU B 79 -0.78 -22.57 -1.23
CA LEU B 79 -0.56 -23.89 -0.69
C LEU B 79 -0.84 -23.96 0.80
N ALA B 80 -0.39 -22.97 1.56
CA ALA B 80 -0.64 -22.94 2.98
C ALA B 80 -0.53 -21.49 3.45
N ARG B 81 -1.66 -20.89 3.79
CA ARG B 81 -1.66 -19.59 4.47
C ARG B 81 -1.59 -19.81 5.98
N LEU B 82 -0.45 -20.31 6.43
CA LEU B 82 -0.29 -20.62 7.83
C LEU B 82 -0.15 -19.35 8.65
N ILE B 83 -1.04 -19.17 9.60
CA ILE B 83 -0.85 -18.11 10.59
C ILE B 83 -0.09 -18.69 11.78
N LEU B 84 1.16 -18.24 11.95
CA LEU B 84 2.11 -19.04 12.71
C LEU B 84 1.85 -19.16 14.22
N PRO B 85 1.46 -18.13 14.97
CA PRO B 85 1.08 -18.41 16.35
C PRO B 85 -0.32 -19.01 16.47
N ARG B 86 -1.07 -19.11 15.37
CA ARG B 86 -2.35 -19.79 15.39
C ARG B 86 -2.23 -21.21 14.85
N ALA B 87 -1.48 -21.39 13.76
CA ALA B 87 -1.42 -22.71 13.14
C ALA B 87 -0.65 -23.70 13.98
N LEU B 88 0.23 -23.21 14.85
CA LEU B 88 0.89 -24.08 15.82
C LEU B 88 -0.12 -24.74 16.76
N LEU B 89 -1.13 -24.00 17.18
CA LEU B 89 -2.15 -24.56 18.06
C LEU B 89 -3.24 -25.29 17.28
N SER B 90 -3.65 -24.73 16.14
CA SER B 90 -4.75 -25.30 15.38
C SER B 90 -4.33 -26.55 14.62
N SER B 91 -3.03 -26.75 14.43
CA SER B 91 -2.57 -28.04 13.91
C SER B 91 -2.61 -29.10 15.00
N ILE B 92 -2.33 -28.70 16.24
CA ILE B 92 -2.49 -29.62 17.37
C ILE B 92 -3.95 -29.99 17.54
N GLU B 93 -4.85 -29.03 17.37
CA GLU B 93 -6.27 -29.38 17.36
C GLU B 93 -6.66 -30.13 16.10
N ALA B 94 -5.88 -30.00 15.02
CA ALA B 94 -6.10 -30.85 13.86
C ALA B 94 -5.67 -32.28 14.11
N ASN B 95 -4.81 -32.50 15.10
CA ASN B 95 -4.53 -33.86 15.55
C ASN B 95 -5.59 -34.35 16.53
N SER B 96 -6.65 -33.57 16.75
CA SER B 96 -7.86 -33.94 17.50
C SER B 96 -7.55 -34.28 18.96
N ASP B 97 -6.75 -33.41 19.58
CA ASP B 97 -6.48 -33.51 21.00
C ASP B 97 -6.16 -32.11 21.50
N ALA B 98 -6.07 -32.00 22.83
CA ALA B 98 -5.95 -30.68 23.44
C ALA B 98 -4.54 -30.14 23.27
N ILE B 99 -4.38 -28.88 23.68
CA ILE B 99 -3.10 -28.20 23.56
C ILE B 99 -2.16 -28.67 24.66
N CYS B 100 -2.72 -29.23 25.74
CA CYS B 100 -1.90 -29.70 26.83
C CYS B 100 -1.13 -30.97 26.50
N ASP B 101 -1.50 -31.67 25.42
CA ASP B 101 -0.89 -32.96 25.14
C ASP B 101 0.46 -32.81 24.46
N VAL B 102 0.84 -31.60 24.08
CA VAL B 102 2.04 -31.35 23.29
C VAL B 102 3.03 -30.58 24.16
N PRO B 103 4.29 -30.99 24.24
CA PRO B 103 5.25 -30.30 25.13
C PRO B 103 5.64 -28.92 24.65
N ASN B 104 5.33 -28.56 23.40
CA ASN B 104 5.83 -27.30 22.89
C ASN B 104 4.91 -26.14 23.22
N THR B 105 3.64 -26.43 23.52
CA THR B 105 2.62 -25.40 23.63
C THR B 105 1.90 -25.40 24.96
N ILE B 106 2.36 -26.16 25.95
CA ILE B 106 1.77 -26.07 27.29
C ILE B 106 1.92 -24.72 27.99
N PRO B 107 2.93 -23.87 27.73
CA PRO B 107 2.84 -22.53 28.31
C PRO B 107 1.76 -21.66 27.67
N PHE B 108 1.30 -21.98 26.46
CA PHE B 108 0.16 -21.24 25.92
C PHE B 108 -1.12 -21.59 26.66
N LYS B 109 -1.20 -22.80 27.20
CA LYS B 109 -2.36 -23.18 27.99
C LYS B 109 -2.36 -22.51 29.35
N VAL B 110 -1.20 -22.37 29.98
CA VAL B 110 -1.16 -21.81 31.32
C VAL B 110 -1.00 -20.30 31.27
N HIS B 111 0.09 -19.82 30.70
CA HIS B 111 0.33 -18.38 30.62
C HIS B 111 -0.60 -17.73 29.60
N ALA B 112 -0.72 -16.41 29.68
CA ALA B 112 -1.74 -15.73 28.90
C ALA B 112 -1.17 -14.97 27.72
N TYR B 113 -0.01 -14.35 27.89
CA TYR B 113 0.53 -13.43 26.87
C TYR B 113 1.86 -13.94 26.36
N TRP B 114 1.94 -14.13 25.05
CA TRP B 114 3.15 -14.61 24.41
C TRP B 114 3.88 -13.48 23.72
N ARG B 115 5.20 -13.53 23.77
CA ARG B 115 6.05 -12.75 22.88
C ARG B 115 7.14 -13.68 22.39
N GLY B 116 7.74 -13.35 21.26
CA GLY B 116 8.97 -14.04 20.91
C GLY B 116 9.21 -14.21 19.43
N ASP B 117 10.39 -14.67 19.09
CA ASP B 117 10.73 -14.85 17.70
C ASP B 117 10.50 -16.29 17.27
N MET B 118 10.26 -16.47 15.98
CA MET B 118 9.86 -17.76 15.43
C MET B 118 10.76 -18.12 14.27
N GLU B 119 11.37 -19.29 14.32
CA GLU B 119 12.08 -19.83 13.19
C GLU B 119 11.14 -20.71 12.39
N VAL B 120 11.36 -20.77 11.08
CA VAL B 120 10.57 -21.61 10.19
C VAL B 120 11.53 -22.32 9.25
N ARG B 121 11.48 -23.64 9.20
CA ARG B 121 12.22 -24.38 8.19
C ARG B 121 11.24 -25.18 7.35
N VAL B 122 11.06 -24.78 6.10
CA VAL B 122 10.14 -25.47 5.21
C VAL B 122 10.98 -26.43 4.38
N GLN B 123 11.04 -27.69 4.80
CA GLN B 123 11.76 -28.66 4.00
C GLN B 123 10.88 -29.15 2.85
N ILE B 124 11.53 -29.53 1.77
CA ILE B 124 10.84 -30.14 0.64
C ILE B 124 11.57 -31.43 0.32
N ASN B 125 10.88 -32.36 -0.33
CA ASN B 125 11.51 -33.63 -0.67
C ASN B 125 11.29 -33.94 -2.13
N SER B 126 11.56 -32.97 -2.99
CA SER B 126 11.35 -33.16 -4.42
C SER B 126 12.42 -34.09 -5.00
N ASN B 127 12.06 -34.76 -6.08
CA ASN B 127 13.05 -35.51 -6.83
C ASN B 127 13.97 -34.53 -7.55
N LYS B 128 15.16 -35.00 -7.91
CA LYS B 128 16.12 -34.12 -8.55
C LYS B 128 15.74 -33.83 -10.00
N PHE B 129 14.88 -34.65 -10.59
CA PHE B 129 14.43 -34.41 -11.95
C PHE B 129 13.21 -33.50 -12.03
N GLN B 130 12.61 -33.16 -10.90
CA GLN B 130 11.45 -32.29 -10.90
C GLN B 130 11.87 -30.84 -10.97
N VAL B 131 11.10 -30.05 -11.72
CA VAL B 131 11.41 -28.65 -11.94
C VAL B 131 10.22 -27.82 -11.48
N GLY B 132 10.45 -27.00 -10.47
CA GLY B 132 9.42 -26.11 -9.97
C GLY B 132 10.02 -25.29 -8.85
N GLN B 133 9.38 -24.16 -8.54
CA GLN B 133 9.94 -23.28 -7.53
C GLN B 133 8.81 -22.64 -6.74
N LEU B 134 8.88 -22.76 -5.42
CA LEU B 134 7.96 -22.11 -4.50
C LEU B 134 8.64 -20.89 -3.90
N GLN B 135 7.85 -20.07 -3.22
CA GLN B 135 8.43 -19.05 -2.36
C GLN B 135 7.71 -19.03 -1.02
N ALA B 136 8.50 -19.00 0.04
CA ALA B 136 7.94 -18.83 1.37
C ALA B 136 8.05 -17.37 1.75
N THR B 137 6.92 -16.76 2.06
CA THR B 137 6.93 -15.33 2.36
C THR B 137 6.19 -15.08 3.65
N TRP B 138 6.78 -14.24 4.51
CA TRP B 138 6.14 -13.82 5.74
C TRP B 138 5.56 -12.43 5.58
N TYR B 139 4.31 -12.27 5.98
CA TYR B 139 3.63 -10.97 5.91
C TYR B 139 3.07 -10.67 7.28
N TYR B 140 3.47 -9.54 7.85
CA TYR B 140 3.00 -9.17 9.18
C TYR B 140 1.55 -8.72 9.15
N SER B 141 0.74 -9.35 10.01
CA SER B 141 -0.65 -8.98 10.29
C SER B 141 -1.52 -9.00 9.04
N ASP B 142 -1.71 -10.22 8.51
CA ASP B 142 -2.49 -10.41 7.29
C ASP B 142 -3.96 -10.02 7.46
N HIS B 143 -4.55 -10.36 8.60
CA HIS B 143 -6.00 -10.22 8.72
C HIS B 143 -6.37 -8.78 9.04
N GLU B 144 -5.37 -7.93 9.27
CA GLU B 144 -5.63 -6.53 9.53
C GLU B 144 -5.72 -5.74 8.23
N ASN B 145 -5.38 -6.36 7.10
CA ASN B 145 -5.51 -5.72 5.80
C ASN B 145 -6.81 -6.19 5.15
N LEU B 146 -7.35 -5.36 4.25
CA LEU B 146 -8.50 -5.81 3.47
C LEU B 146 -8.16 -5.96 2.00
N ASN B 147 -7.17 -5.23 1.51
CA ASN B 147 -6.78 -5.37 0.11
C ASN B 147 -5.75 -6.47 -0.10
N ILE B 148 -5.46 -7.26 0.94
CA ILE B 148 -4.44 -8.31 0.85
C ILE B 148 -4.88 -9.40 -0.12
N SER B 149 -6.19 -9.58 -0.32
CA SER B 149 -6.68 -10.54 -1.29
C SER B 149 -6.31 -10.13 -2.71
N SER B 150 -6.14 -8.83 -2.94
CA SER B 150 -5.66 -8.37 -4.25
C SER B 150 -4.14 -8.38 -4.30
N LYS B 151 -3.49 -8.50 -3.14
CA LYS B 151 -2.04 -8.55 -3.12
C LYS B 151 -1.51 -9.98 -3.10
N ARG B 152 -2.35 -10.94 -2.70
CA ARG B 152 -1.92 -12.30 -2.40
C ARG B 152 -1.60 -13.02 -3.71
N SER B 153 -0.40 -12.74 -4.23
CA SER B 153 0.08 -13.32 -5.46
C SER B 153 1.60 -13.22 -5.45
N VAL B 154 2.24 -13.96 -6.37
CA VAL B 154 3.70 -14.02 -6.38
C VAL B 154 4.31 -12.71 -6.82
N TYR B 155 3.58 -11.91 -7.60
CA TYR B 155 4.13 -10.63 -8.04
C TYR B 155 4.23 -9.65 -6.89
N GLY B 156 3.41 -9.84 -5.85
CA GLY B 156 3.46 -8.96 -4.71
C GLY B 156 4.39 -9.42 -3.61
N PHE B 157 4.48 -10.73 -3.40
CA PHE B 157 5.33 -11.22 -2.34
C PHE B 157 6.78 -11.38 -2.75
N SER B 158 7.10 -11.21 -4.03
CA SER B 158 8.50 -11.21 -4.44
C SER B 158 9.16 -9.85 -4.28
N GLN B 159 8.42 -8.85 -3.81
CA GLN B 159 9.01 -7.53 -3.60
C GLN B 159 9.55 -7.40 -2.19
N MET B 160 8.79 -7.85 -1.20
CA MET B 160 9.36 -8.05 0.12
C MET B 160 10.28 -9.26 0.09
N ASP B 161 11.14 -9.35 1.09
CA ASP B 161 12.11 -10.43 1.09
C ASP B 161 11.46 -11.73 1.54
N HIS B 162 12.01 -12.83 1.05
CA HIS B 162 11.32 -14.11 1.05
C HIS B 162 12.33 -15.19 0.77
N ALA B 163 11.97 -16.43 1.09
CA ALA B 163 12.81 -17.56 0.73
C ALA B 163 12.27 -18.24 -0.52
N LEU B 164 13.16 -18.95 -1.21
CA LEU B 164 12.80 -19.65 -2.43
C LEU B 164 13.08 -21.13 -2.27
N ILE B 165 12.09 -21.94 -2.59
CA ILE B 165 12.21 -23.39 -2.44
C ILE B 165 12.20 -23.98 -3.84
N SER B 166 13.38 -24.20 -4.39
CA SER B 166 13.44 -24.79 -5.71
C SER B 166 13.32 -26.30 -5.60
N ALA B 167 12.38 -26.86 -6.35
CA ALA B 167 12.22 -28.30 -6.38
C ALA B 167 13.32 -28.99 -7.18
N SER B 168 14.09 -28.23 -7.95
CA SER B 168 15.22 -28.78 -8.68
C SER B 168 16.30 -29.31 -7.74
N ALA B 169 16.84 -28.45 -6.90
CA ALA B 169 17.91 -28.83 -6.00
C ALA B 169 17.42 -29.31 -4.64
N SER B 170 16.09 -29.48 -4.51
CA SER B 170 15.44 -29.84 -3.24
C SER B 170 15.82 -28.87 -2.14
N ASN B 171 15.71 -27.59 -2.44
CA ASN B 171 16.19 -26.53 -1.57
C ASN B 171 15.35 -26.45 -0.30
N GLU B 172 15.98 -26.01 0.77
CA GLU B 172 15.34 -25.89 2.06
C GLU B 172 15.36 -24.44 2.49
N ALA B 173 14.34 -24.00 3.22
CA ALA B 173 14.09 -22.58 3.44
C ALA B 173 14.06 -22.25 4.91
N LYS B 174 15.15 -21.72 5.43
CA LYS B 174 15.14 -21.16 6.78
C LYS B 174 14.54 -19.76 6.72
N LEU B 175 13.84 -19.39 7.77
CA LEU B 175 13.07 -18.14 7.75
C LEU B 175 13.01 -17.61 9.18
N VAL B 176 13.87 -16.64 9.47
CA VAL B 176 13.94 -16.07 10.81
C VAL B 176 12.91 -14.96 10.92
N ILE B 177 11.86 -15.20 11.68
CA ILE B 177 10.77 -14.24 11.78
C ILE B 177 10.76 -13.64 13.18
N PRO B 178 11.24 -12.42 13.36
CA PRO B 178 11.18 -11.82 14.68
C PRO B 178 9.80 -11.29 14.96
N PHE B 179 9.54 -11.06 16.24
CA PHE B 179 8.28 -10.49 16.66
C PHE B 179 8.24 -9.00 16.34
N LYS B 180 7.40 -8.63 15.39
CA LYS B 180 7.01 -7.24 15.22
C LYS B 180 5.50 -7.20 15.10
N HIS B 181 4.90 -6.36 15.90
CA HIS B 181 3.46 -6.21 15.90
C HIS B 181 3.20 -4.81 16.42
N VAL B 182 1.94 -4.39 16.35
CA VAL B 182 1.55 -3.15 17.00
C VAL B 182 1.81 -3.23 18.49
N TYR B 183 1.25 -4.22 19.16
CA TYR B 183 1.41 -4.26 20.58
C TYR B 183 2.51 -5.24 20.93
N PRO B 184 3.29 -4.99 21.97
CA PRO B 184 4.49 -5.80 22.18
C PRO B 184 4.25 -7.17 22.79
N PHE B 185 3.00 -7.58 23.00
CA PHE B 185 2.69 -8.93 23.41
C PHE B 185 1.46 -9.43 22.69
N LEU B 186 1.54 -10.66 22.21
CA LEU B 186 0.38 -11.31 21.63
C LEU B 186 -0.38 -12.05 22.71
N PRO B 187 -1.69 -11.90 22.79
CA PRO B 187 -2.46 -12.64 23.77
C PRO B 187 -2.90 -13.98 23.21
N THR B 188 -2.92 -14.98 24.09
CA THR B 188 -3.11 -16.36 23.66
C THR B 188 -4.50 -16.89 23.94
N ARG B 189 -5.41 -16.04 24.43
CA ARG B 189 -6.74 -16.50 24.82
C ARG B 189 -7.69 -15.30 24.73
N ILE B 190 -8.92 -15.51 25.21
CA ILE B 190 -9.89 -14.43 25.26
C ILE B 190 -9.41 -13.37 26.23
N VAL B 191 -9.53 -12.11 25.82
CA VAL B 191 -8.73 -11.03 26.39
C VAL B 191 -9.55 -9.76 26.42
N PRO B 192 -9.46 -8.96 27.51
CA PRO B 192 -10.46 -7.91 27.78
C PRO B 192 -10.61 -6.86 26.70
N ASP B 193 -9.59 -6.62 25.89
CA ASP B 193 -9.79 -5.57 24.91
C ASP B 193 -9.84 -6.08 23.48
N TRP B 194 -9.36 -7.29 23.17
CA TRP B 194 -9.81 -7.90 21.93
C TRP B 194 -10.01 -9.40 22.08
N THR B 195 -11.05 -9.90 21.44
CA THR B 195 -11.35 -11.33 21.40
C THR B 195 -11.22 -11.88 19.98
N THR B 196 -11.61 -11.12 18.97
CA THR B 196 -11.59 -11.62 17.61
C THR B 196 -10.18 -11.52 17.04
N GLY B 197 -9.73 -12.58 16.37
CA GLY B 197 -8.40 -12.56 15.80
C GLY B 197 -7.35 -12.75 16.85
N ILE B 198 -7.31 -13.92 17.49
CA ILE B 198 -6.45 -14.08 18.64
C ILE B 198 -5.13 -14.74 18.24
N LEU B 199 -4.04 -14.23 18.82
CA LEU B 199 -2.69 -14.78 18.71
C LEU B 199 -2.22 -14.80 17.25
N ASP B 200 -2.33 -13.65 16.59
CA ASP B 200 -2.21 -13.52 15.14
C ASP B 200 -1.07 -12.57 14.81
N MET B 201 0.12 -13.11 14.59
CA MET B 201 1.22 -12.24 14.20
C MET B 201 1.16 -11.89 12.72
N GLY B 202 0.82 -12.86 11.88
CA GLY B 202 0.79 -12.57 10.45
C GLY B 202 0.42 -13.79 9.64
N ALA B 203 1.20 -14.02 8.59
CA ALA B 203 0.91 -15.11 7.67
C ALA B 203 2.18 -15.54 6.98
N LEU B 204 2.63 -16.74 7.30
CA LEU B 204 3.50 -17.45 6.39
C LEU B 204 2.65 -18.04 5.27
N ASN B 205 2.85 -17.54 4.06
CA ASN B 205 2.12 -18.10 2.94
C ASN B 205 3.10 -18.49 1.84
N ILE B 206 2.82 -19.64 1.25
CA ILE B 206 3.73 -20.27 0.31
C ILE B 206 3.03 -20.40 -1.02
N ARG B 207 3.17 -19.38 -1.86
CA ARG B 207 2.60 -19.42 -3.19
C ARG B 207 3.52 -20.22 -4.09
N VAL B 208 3.04 -20.53 -5.29
CA VAL B 208 3.88 -21.23 -6.25
C VAL B 208 4.36 -20.23 -7.29
N ILE B 209 5.65 -20.22 -7.56
CA ILE B 209 6.18 -19.38 -8.62
C ILE B 209 6.13 -20.09 -9.97
N ALA B 210 6.61 -21.33 -10.02
CA ALA B 210 6.38 -22.09 -11.25
C ALA B 210 6.13 -23.53 -10.88
N PRO B 211 5.13 -24.18 -11.47
CA PRO B 211 4.68 -25.47 -10.95
C PRO B 211 5.63 -26.59 -11.32
N LEU B 212 5.32 -27.79 -10.82
CA LEU B 212 6.11 -28.95 -11.21
C LEU B 212 5.90 -29.27 -12.67
N ARG B 213 7.01 -29.47 -13.36
CA ARG B 213 6.99 -29.89 -14.74
C ARG B 213 7.85 -31.13 -14.85
N MET B 214 7.35 -32.13 -15.57
CA MET B 214 8.00 -33.42 -15.60
C MET B 214 7.55 -34.16 -16.85
N SER B 215 8.19 -35.29 -17.10
CA SER B 215 7.81 -36.11 -18.24
C SER B 215 6.53 -36.88 -17.92
N ALA B 216 6.08 -37.67 -18.90
CA ALA B 216 4.82 -38.39 -18.75
C ALA B 216 4.92 -39.52 -17.74
N THR B 217 6.13 -40.01 -17.47
CA THR B 217 6.34 -41.04 -16.45
C THR B 217 6.83 -40.46 -15.14
N GLY B 218 6.74 -39.15 -14.96
CA GLY B 218 7.39 -38.50 -13.86
C GLY B 218 6.66 -38.70 -12.54
N PRO B 219 7.40 -38.52 -11.44
CA PRO B 219 6.77 -38.52 -10.12
C PRO B 219 5.95 -37.26 -9.88
N THR B 220 4.63 -37.42 -9.82
CA THR B 220 3.74 -36.26 -9.88
C THR B 220 3.74 -35.47 -8.58
N THR B 221 3.56 -36.17 -7.45
CA THR B 221 3.43 -35.50 -6.18
C THR B 221 4.78 -34.96 -5.70
N CYS B 222 4.72 -34.11 -4.67
CA CYS B 222 5.93 -33.61 -4.01
C CYS B 222 5.52 -33.17 -2.60
N ASN B 223 5.86 -33.98 -1.61
CA ASN B 223 5.48 -33.66 -0.25
C ASN B 223 6.31 -32.48 0.29
N VAL B 224 5.66 -31.61 1.04
CA VAL B 224 6.30 -30.43 1.63
C VAL B 224 6.02 -30.44 3.13
N VAL B 225 7.06 -30.16 3.92
CA VAL B 225 6.96 -30.16 5.38
C VAL B 225 7.31 -28.76 5.86
N VAL B 226 6.65 -28.31 6.94
CA VAL B 226 6.91 -27.01 7.57
C VAL B 226 7.27 -27.27 9.04
N PHE B 227 8.38 -26.71 9.50
CA PHE B 227 8.72 -26.75 10.92
C PHE B 227 8.81 -25.37 11.53
N ILE B 228 8.53 -25.28 12.83
CA ILE B 228 8.58 -24.01 13.55
C ILE B 228 9.28 -24.11 14.89
N LYS B 229 10.27 -23.26 15.10
CA LYS B 229 10.90 -23.06 16.39
C LYS B 229 10.38 -21.76 16.98
N LEU B 230 10.48 -21.62 18.28
CA LEU B 230 9.87 -20.49 18.98
C LEU B 230 10.93 -19.85 19.87
N ASN B 231 12.10 -19.58 19.30
CA ASN B 231 13.37 -19.54 20.05
C ASN B 231 13.48 -18.49 21.16
N ASN B 232 13.34 -17.21 20.86
CA ASN B 232 13.55 -16.22 21.92
C ASN B 232 12.22 -15.82 22.53
N SER B 233 11.46 -16.79 22.98
CA SER B 233 10.10 -16.52 23.44
C SER B 233 10.12 -16.00 24.87
N GLU B 234 8.94 -15.55 25.31
CA GLU B 234 8.64 -15.32 26.71
C GLU B 234 7.14 -15.28 26.89
N PHE B 235 6.71 -15.48 28.13
CA PHE B 235 5.31 -15.58 28.49
C PHE B 235 5.07 -14.77 29.74
N THR B 236 3.89 -14.19 29.85
CA THR B 236 3.55 -13.52 31.09
C THR B 236 2.06 -13.65 31.33
N GLY B 237 1.64 -13.26 32.53
CA GLY B 237 0.26 -13.44 32.89
C GLY B 237 -0.07 -14.90 33.16
N THR B 238 0.40 -15.41 34.28
CA THR B 238 -0.02 -16.74 34.71
C THR B 238 -1.52 -16.74 34.98
N SER B 239 -2.23 -17.66 34.34
CA SER B 239 -3.67 -17.70 34.47
C SER B 239 -4.14 -19.15 34.46
N SER B 240 -5.42 -19.33 34.72
CA SER B 240 -5.97 -20.67 34.71
C SER B 240 -6.16 -21.16 33.29
N GLY B 241 -5.93 -22.45 33.08
CA GLY B 241 -6.14 -23.05 31.79
C GLY B 241 -7.58 -23.22 31.40
N LYS B 242 -8.52 -23.02 32.33
CA LYS B 242 -9.92 -23.15 32.00
C LYS B 242 -10.43 -21.91 31.26
N PHE B 243 -9.63 -20.85 31.17
CA PHE B 243 -10.01 -19.71 30.36
C PHE B 243 -9.55 -19.86 28.92
N TYR B 244 -8.66 -20.78 28.64
CA TYR B 244 -8.18 -20.95 27.28
C TYR B 244 -9.26 -21.56 26.40
N ALA B 245 -9.80 -20.75 25.50
CA ALA B 245 -10.75 -21.24 24.53
C ALA B 245 -10.00 -22.00 23.44
N SER B 246 -10.72 -22.85 22.72
CA SER B 246 -10.14 -23.49 21.56
C SER B 246 -9.93 -22.46 20.47
N GLN B 247 -8.86 -22.64 19.70
CA GLN B 247 -8.61 -21.75 18.58
C GLN B 247 -9.63 -21.97 17.48
N ILE B 248 -9.75 -20.99 16.59
CA ILE B 248 -10.67 -21.12 15.47
C ILE B 248 -10.12 -22.13 14.48
N ASN C 2 9.82 53.60 31.75
CA ASN C 2 9.38 53.60 30.36
C ASN C 2 10.16 54.52 29.46
N PRO C 3 11.32 54.09 28.98
CA PRO C 3 11.93 54.82 27.87
C PRO C 3 11.12 54.60 26.61
N SER C 4 10.89 55.68 25.88
CA SER C 4 10.13 55.55 24.64
C SER C 4 11.04 55.12 23.50
N TYR C 5 10.75 53.95 22.94
CA TYR C 5 11.51 53.39 21.82
C TYR C 5 11.01 54.09 20.57
N GLN C 6 11.80 55.02 20.07
CA GLN C 6 11.34 55.88 19.00
C GLN C 6 12.04 55.64 17.67
N GLN C 7 12.87 54.61 17.56
CA GLN C 7 13.44 54.25 16.27
C GLN C 7 12.36 53.68 15.37
N SER C 8 12.46 53.96 14.08
CA SER C 8 11.46 53.49 13.13
C SER C 8 11.61 51.99 12.92
N PRO C 9 10.55 51.23 13.16
CA PRO C 9 10.65 49.78 13.14
C PRO C 9 10.50 49.22 11.73
N ARG C 10 10.38 47.89 11.65
CA ARG C 10 10.57 47.14 10.42
C ARG C 10 9.45 47.43 9.41
N HIS C 11 9.53 46.83 8.23
CA HIS C 11 8.71 47.35 7.13
C HIS C 11 8.21 46.27 6.18
N PHE C 12 7.65 45.18 6.68
CA PHE C 12 7.56 44.05 5.77
C PHE C 12 6.16 43.53 5.45
N VAL C 13 6.18 42.32 4.91
CA VAL C 13 5.11 41.80 4.06
C VAL C 13 4.46 40.62 4.77
N PRO C 14 3.18 40.70 5.12
CA PRO C 14 2.47 39.51 5.57
C PRO C 14 2.23 38.59 4.39
N THR C 15 2.26 37.28 4.65
CA THR C 15 1.74 36.30 3.71
C THR C 15 0.86 35.32 4.46
N GLY C 16 0.15 34.49 3.71
CA GLY C 16 -0.88 33.72 4.36
C GLY C 16 -0.44 32.39 4.93
N MET C 17 0.59 31.79 4.35
CA MET C 17 0.86 30.38 4.62
C MET C 17 2.32 30.11 4.36
N HIS C 18 2.91 29.24 5.18
CA HIS C 18 4.29 28.86 4.96
C HIS C 18 4.41 27.97 3.73
N SER C 19 5.66 27.70 3.35
CA SER C 19 5.93 27.00 2.11
C SER C 19 5.54 25.53 2.23
N LEU C 20 5.07 24.97 1.12
CA LEU C 20 4.62 23.60 1.07
C LEU C 20 5.63 22.67 0.43
N ALA C 21 6.30 23.13 -0.64
CA ALA C 21 7.23 22.26 -1.34
C ALA C 21 8.52 22.08 -0.57
N LEU C 22 8.90 23.06 0.24
CA LEU C 22 10.16 23.00 0.95
C LEU C 22 10.10 22.00 2.10
N GLY C 23 11.04 21.07 2.12
CA GLY C 23 11.04 20.07 3.17
C GLY C 23 12.37 19.56 3.68
N THR C 24 13.48 20.25 3.47
CA THR C 24 14.71 19.69 4.03
C THR C 24 15.39 20.58 5.06
N ASN C 25 15.91 21.72 4.61
CA ASN C 25 16.81 22.54 5.43
C ASN C 25 16.04 23.74 5.97
N LEU C 26 15.01 23.44 6.74
CA LEU C 26 14.00 24.45 7.00
C LEU C 26 13.30 24.15 8.31
N VAL C 27 13.58 24.95 9.32
CA VAL C 27 12.84 24.88 10.56
C VAL C 27 11.45 25.46 10.34
N GLU C 28 10.44 24.63 10.49
CA GLU C 28 9.08 24.99 10.13
C GLU C 28 8.24 25.26 11.36
N PRO C 29 7.69 26.46 11.51
CA PRO C 29 6.93 26.78 12.71
C PRO C 29 5.55 26.16 12.66
N LEU C 30 5.09 25.69 13.81
CA LEU C 30 3.79 25.03 13.90
C LEU C 30 3.09 25.44 15.17
N HIS C 31 1.76 25.48 15.10
CA HIS C 31 0.94 25.53 16.28
C HIS C 31 0.73 24.09 16.71
N ALA C 32 1.53 23.66 17.67
CA ALA C 32 1.54 22.26 18.05
C ALA C 32 0.30 21.91 18.86
N LEU C 33 -0.07 20.63 18.82
CA LEU C 33 -1.09 20.09 19.70
C LEU C 33 -0.50 19.16 20.74
N ARG C 34 0.79 19.29 21.01
CA ARG C 34 1.42 18.56 22.09
C ARG C 34 1.28 19.40 23.37
N LEU C 35 1.63 18.81 24.51
CA LEU C 35 1.58 19.59 25.75
C LEU C 35 2.93 20.23 26.06
N ASP C 36 4.01 19.51 25.79
CA ASP C 36 5.34 20.07 25.94
C ASP C 36 5.76 20.77 24.66
N ALA C 37 6.50 21.88 24.80
CA ALA C 37 6.88 22.63 23.61
C ALA C 37 8.13 22.06 22.95
N ALA C 38 9.07 21.55 23.73
CA ALA C 38 10.24 20.91 23.17
C ALA C 38 10.05 19.41 22.96
N GLY C 39 8.81 18.93 23.01
CA GLY C 39 8.57 17.51 22.95
C GLY C 39 8.69 16.97 21.53
N THR C 40 9.37 15.85 21.42
CA THR C 40 9.58 15.18 20.15
C THR C 40 9.19 13.73 20.34
N THR C 41 8.52 13.17 19.34
CA THR C 41 8.22 11.74 19.35
C THR C 41 9.51 10.94 19.44
N GLN C 42 9.50 9.96 20.32
CA GLN C 42 10.71 9.21 20.59
C GLN C 42 10.46 7.74 20.33
N HIS C 43 11.52 7.06 19.95
CA HIS C 43 11.46 5.66 19.64
C HIS C 43 12.16 4.91 20.76
N PRO C 44 11.48 4.00 21.45
CA PRO C 44 12.17 3.19 22.47
C PRO C 44 13.15 2.23 21.84
N VAL C 45 13.89 1.51 22.70
CA VAL C 45 14.94 0.63 22.20
C VAL C 45 14.37 -0.57 21.46
N GLY C 46 13.12 -0.94 21.75
CA GLY C 46 12.50 -2.00 21.01
C GLY C 46 11.81 -1.58 19.74
N CYS C 47 11.61 -0.27 19.54
CA CYS C 47 10.94 0.25 18.35
C CYS C 47 11.90 0.78 17.31
N ALA C 48 13.05 0.12 17.16
CA ALA C 48 14.12 0.66 16.32
C ALA C 48 13.74 0.61 14.85
N PRO C 49 13.75 1.73 14.16
CA PRO C 49 13.38 1.72 12.73
C PRO C 49 14.51 1.17 11.89
N ASP C 50 14.36 -0.06 11.38
CA ASP C 50 15.41 -0.63 10.56
C ASP C 50 15.48 0.02 9.19
N GLU C 51 14.34 0.34 8.61
CA GLU C 51 14.28 0.78 7.22
C GLU C 51 14.29 2.29 7.19
N ASP C 52 15.48 2.85 7.04
CA ASP C 52 15.62 4.24 6.61
C ASP C 52 15.06 4.35 5.20
N MET C 53 13.95 5.05 5.06
CA MET C 53 13.21 5.09 3.82
C MET C 53 14.00 5.85 2.75
N THR C 54 14.37 5.13 1.70
CA THR C 54 15.43 5.64 0.85
C THR C 54 15.24 5.03 -0.54
N VAL C 55 15.40 5.86 -1.56
CA VAL C 55 15.20 5.41 -2.94
C VAL C 55 16.27 4.42 -3.34
N SER C 56 17.47 4.54 -2.77
CA SER C 56 18.46 3.49 -2.98
C SER C 56 18.17 2.26 -2.14
N SER C 57 17.20 2.34 -1.23
CA SER C 57 16.81 1.16 -0.47
C SER C 57 15.57 0.49 -1.06
N ILE C 58 14.62 1.29 -1.52
CA ILE C 58 13.45 0.72 -2.19
C ILE C 58 13.82 0.18 -3.55
N ALA C 59 14.56 0.95 -4.34
CA ALA C 59 14.91 0.54 -5.69
C ALA C 59 15.89 -0.60 -5.71
N SER C 60 16.53 -0.93 -4.60
CA SER C 60 17.45 -2.05 -4.53
C SER C 60 16.77 -3.37 -4.18
N ARG C 61 15.49 -3.51 -4.47
CA ARG C 61 14.77 -4.75 -4.22
C ARG C 61 14.22 -5.30 -5.51
N TYR C 62 14.38 -6.60 -5.72
CA TYR C 62 13.85 -7.23 -6.91
C TYR C 62 12.34 -7.33 -6.83
N GLY C 63 11.70 -7.25 -7.99
CA GLY C 63 10.30 -7.58 -8.10
C GLY C 63 10.09 -8.44 -9.31
N LEU C 64 9.39 -9.56 -9.14
CA LEU C 64 9.04 -10.40 -10.27
C LEU C 64 8.07 -9.65 -11.17
N ILE C 65 8.47 -9.47 -12.43
CA ILE C 65 7.67 -8.62 -13.29
C ILE C 65 7.43 -9.31 -14.61
N ARG C 66 8.21 -10.35 -14.93
CA ARG C 66 7.90 -11.02 -16.17
C ARG C 66 8.25 -12.49 -16.00
N ARG C 67 7.53 -13.35 -16.72
CA ARG C 67 7.70 -14.79 -16.59
C ARG C 67 7.55 -15.44 -17.95
N VAL C 68 8.65 -15.98 -18.47
CA VAL C 68 8.63 -16.55 -19.80
C VAL C 68 8.41 -18.05 -19.75
N GLN C 69 7.36 -18.49 -20.42
CA GLN C 69 7.17 -19.90 -20.74
C GLN C 69 8.09 -20.24 -21.90
N TRP C 70 9.24 -20.85 -21.60
CA TRP C 70 10.20 -21.21 -22.64
C TRP C 70 10.13 -22.71 -22.90
N LYS C 71 9.61 -23.06 -24.07
CA LYS C 71 9.35 -24.44 -24.44
C LYS C 71 10.56 -25.02 -25.15
N LYS C 72 10.45 -26.31 -25.51
CA LYS C 72 11.54 -26.97 -26.20
C LYS C 72 11.58 -26.63 -27.68
N ASP C 73 10.41 -26.57 -28.32
CA ASP C 73 10.31 -26.46 -29.76
C ASP C 73 10.53 -25.05 -30.30
N HIS C 74 11.01 -24.12 -29.48
CA HIS C 74 11.42 -22.82 -30.01
C HIS C 74 12.67 -22.97 -30.86
N ALA C 75 12.73 -22.22 -31.96
CA ALA C 75 13.88 -22.28 -32.84
C ALA C 75 15.03 -21.44 -32.29
N LYS C 76 16.07 -21.28 -33.10
CA LYS C 76 17.22 -20.52 -32.65
C LYS C 76 17.03 -19.02 -32.84
N GLY C 77 15.88 -18.60 -33.36
CA GLY C 77 15.59 -17.19 -33.52
C GLY C 77 14.39 -16.67 -32.76
N SER C 78 13.86 -17.46 -31.83
CA SER C 78 12.58 -17.14 -31.23
C SER C 78 12.72 -16.05 -30.17
N LEU C 79 11.74 -15.15 -30.14
CA LEU C 79 11.70 -14.08 -29.17
C LEU C 79 10.96 -14.53 -27.92
N LEU C 80 11.56 -14.29 -26.76
CA LEU C 80 10.89 -14.59 -25.51
C LEU C 80 10.31 -13.35 -24.85
N LEU C 81 11.08 -12.26 -24.80
CA LEU C 81 10.54 -11.00 -24.32
C LEU C 81 11.26 -9.85 -25.00
N GLN C 82 10.52 -8.76 -25.19
CA GLN C 82 11.04 -7.51 -25.74
C GLN C 82 10.65 -6.33 -24.86
N LEU C 83 10.70 -6.54 -23.55
CA LEU C 83 10.26 -5.51 -22.62
C LEU C 83 11.22 -4.33 -22.62
N ASP C 84 10.69 -3.17 -22.26
CA ASP C 84 11.44 -1.94 -22.35
C ASP C 84 12.43 -1.80 -21.21
N ALA C 85 13.52 -1.07 -21.47
CA ALA C 85 14.59 -0.89 -20.50
C ALA C 85 14.36 0.39 -19.70
N ASP C 86 13.31 0.34 -18.90
CA ASP C 86 12.87 1.43 -18.03
C ASP C 86 12.47 0.78 -16.72
N PRO C 87 12.28 1.56 -15.65
CA PRO C 87 11.67 0.98 -14.46
C PRO C 87 10.21 0.63 -14.67
N PHE C 88 9.55 1.28 -15.63
CA PHE C 88 8.13 1.07 -15.85
C PHE C 88 7.87 -0.19 -16.65
N VAL C 89 8.03 -1.34 -16.01
CA VAL C 89 7.82 -2.60 -16.70
C VAL C 89 6.40 -3.09 -16.43
N GLU C 90 5.74 -3.53 -17.48
CA GLU C 90 4.32 -3.77 -17.45
C GLU C 90 4.10 -5.23 -17.12
N GLN C 91 3.12 -5.51 -16.27
CA GLN C 91 2.60 -6.87 -16.14
C GLN C 91 1.12 -6.76 -15.84
N ARG C 92 0.31 -7.23 -16.77
CA ARG C 92 -1.13 -7.07 -16.68
C ARG C 92 -1.73 -8.17 -15.81
N ILE C 93 -2.70 -7.80 -15.01
CA ILE C 93 -3.50 -8.77 -14.28
C ILE C 93 -4.73 -9.11 -15.10
N GLU C 94 -5.06 -10.39 -15.20
CA GLU C 94 -6.26 -10.82 -15.91
C GLU C 94 -7.50 -10.57 -15.05
N GLY C 95 -7.92 -9.32 -15.04
CA GLY C 95 -9.15 -8.95 -14.38
C GLY C 95 -10.24 -8.55 -15.35
N THR C 96 -11.47 -8.51 -14.83
CA THR C 96 -12.62 -8.07 -15.61
C THR C 96 -13.02 -6.64 -15.30
N ASN C 97 -12.21 -5.93 -14.52
CA ASN C 97 -12.51 -4.55 -14.16
C ASN C 97 -12.39 -3.64 -15.39
N PRO C 98 -13.11 -2.52 -15.39
CA PRO C 98 -12.91 -1.55 -16.48
C PRO C 98 -11.54 -0.90 -16.46
N ILE C 99 -10.86 -0.88 -15.32
CA ILE C 99 -9.46 -0.50 -15.23
C ILE C 99 -8.67 -1.73 -14.80
N SER C 100 -7.90 -2.29 -15.73
CA SER C 100 -7.08 -3.44 -15.42
C SER C 100 -5.90 -3.00 -14.58
N LEU C 101 -5.74 -3.61 -13.41
CA LEU C 101 -4.66 -3.26 -12.52
C LEU C 101 -3.37 -3.88 -13.04
N TYR C 102 -2.26 -3.20 -12.77
CA TYR C 102 -0.96 -3.66 -13.23
C TYR C 102 -0.02 -3.81 -12.06
N TRP C 103 0.70 -4.91 -12.02
CA TRP C 103 1.81 -4.99 -11.10
C TRP C 103 2.96 -4.13 -11.60
N PHE C 104 3.83 -3.73 -10.69
CA PHE C 104 5.04 -3.02 -11.05
C PHE C 104 6.18 -3.51 -10.18
N ALA C 105 7.38 -3.44 -10.73
CA ALA C 105 8.58 -3.61 -9.94
C ALA C 105 8.65 -2.49 -8.89
N PRO C 106 9.29 -2.73 -7.75
CA PRO C 106 9.43 -1.65 -6.75
C PRO C 106 10.23 -0.48 -7.27
N VAL C 107 11.19 -0.73 -8.14
CA VAL C 107 11.90 0.36 -8.80
C VAL C 107 10.97 1.13 -9.72
N GLY C 108 9.97 0.46 -10.29
CA GLY C 108 9.00 1.16 -11.12
C GLY C 108 8.05 2.02 -10.33
N VAL C 109 7.63 1.56 -9.16
CA VAL C 109 6.76 2.34 -8.31
C VAL C 109 7.49 3.54 -7.74
N VAL C 110 8.73 3.33 -7.29
CA VAL C 110 9.46 4.41 -6.66
C VAL C 110 9.99 5.37 -7.72
N SER C 111 10.06 4.94 -8.97
CA SER C 111 10.39 5.90 -10.00
C SER C 111 9.14 6.54 -10.60
N SER C 112 7.97 5.99 -10.30
CA SER C 112 6.73 6.57 -10.81
C SER C 112 6.29 7.80 -10.04
N MET C 113 6.96 8.11 -8.94
CA MET C 113 6.70 9.37 -8.25
C MET C 113 7.65 10.46 -8.70
N PHE C 114 8.59 10.13 -9.55
CA PHE C 114 9.64 11.06 -9.96
C PHE C 114 9.53 11.32 -11.44
N MET C 115 9.88 12.54 -11.84
CA MET C 115 9.82 12.85 -13.26
C MET C 115 10.94 12.20 -14.02
N GLN C 116 12.18 12.33 -13.55
CA GLN C 116 13.31 11.91 -14.33
C GLN C 116 14.03 10.78 -13.60
N TRP C 117 14.51 9.81 -14.37
CA TRP C 117 15.31 8.74 -13.78
C TRP C 117 16.55 8.56 -14.62
N ARG C 118 17.58 8.00 -14.01
CA ARG C 118 18.79 7.63 -14.73
C ARG C 118 19.50 6.54 -13.95
N GLY C 119 20.36 5.82 -14.64
CA GLY C 119 21.17 4.80 -14.01
C GLY C 119 20.94 3.41 -14.59
N SER C 120 21.74 2.48 -14.12
CA SER C 120 21.66 1.11 -14.60
C SER C 120 20.48 0.39 -13.97
N LEU C 121 19.88 -0.52 -14.72
CA LEU C 121 18.93 -1.46 -14.18
C LEU C 121 19.56 -2.85 -14.14
N GLU C 122 19.21 -3.63 -13.12
CA GLU C 122 19.71 -4.99 -13.01
C GLU C 122 18.54 -5.94 -13.06
N TYR C 123 18.50 -6.78 -14.09
CA TYR C 123 17.41 -7.74 -14.26
C TYR C 123 17.97 -9.08 -13.87
N ARG C 124 17.36 -9.72 -12.88
CA ARG C 124 17.80 -11.07 -12.54
C ARG C 124 16.92 -12.08 -13.24
N PHE C 125 17.53 -12.89 -14.08
CA PHE C 125 16.88 -14.01 -14.73
C PHE C 125 17.12 -15.24 -13.87
N ASP C 126 16.08 -15.66 -13.16
CA ASP C 126 16.12 -16.92 -12.43
C ASP C 126 15.43 -17.94 -13.32
N ILE C 127 16.22 -18.59 -14.17
CA ILE C 127 15.72 -19.70 -14.95
C ILE C 127 15.50 -20.87 -14.00
N ILE C 128 14.35 -21.50 -14.09
CA ILE C 128 14.05 -22.63 -13.22
C ILE C 128 14.33 -23.89 -14.01
N ALA C 129 15.50 -24.47 -13.79
CA ALA C 129 15.92 -25.63 -14.57
C ALA C 129 16.64 -26.61 -13.68
N SER C 130 16.52 -27.88 -14.00
CA SER C 130 17.36 -28.87 -13.34
C SER C 130 18.77 -28.79 -13.89
N GLN C 131 19.66 -29.57 -13.28
CA GLN C 131 21.03 -29.60 -13.74
C GLN C 131 21.17 -30.34 -15.06
N PHE C 132 20.15 -31.09 -15.47
CA PHE C 132 20.22 -31.87 -16.70
C PHE C 132 19.68 -31.14 -17.91
N HIS C 133 18.88 -30.10 -17.71
CA HIS C 133 18.49 -29.24 -18.82
C HIS C 133 19.65 -28.38 -19.26
N THR C 134 19.87 -28.30 -20.56
CA THR C 134 20.89 -27.42 -21.10
C THR C 134 20.26 -26.47 -22.09
N GLY C 135 20.55 -25.20 -21.93
CA GLY C 135 20.09 -24.17 -22.85
C GLY C 135 21.10 -23.07 -22.89
N ARG C 136 20.82 -22.09 -23.75
CA ARG C 136 21.74 -20.99 -23.98
C ARG C 136 20.97 -19.88 -24.64
N LEU C 137 20.97 -18.70 -24.00
CA LEU C 137 20.06 -17.67 -24.47
C LEU C 137 20.71 -16.31 -24.38
N ILE C 138 20.57 -15.52 -25.44
CA ILE C 138 21.05 -14.15 -25.44
C ILE C 138 20.06 -13.26 -24.71
N VAL C 139 20.55 -12.56 -23.70
CA VAL C 139 19.84 -11.40 -23.18
C VAL C 139 20.56 -10.19 -23.75
N GLY C 140 19.98 -9.59 -24.78
CA GLY C 140 20.60 -8.49 -25.48
C GLY C 140 20.02 -7.17 -25.04
N TYR C 141 20.46 -6.12 -25.72
CA TYR C 141 20.16 -4.76 -25.31
C TYR C 141 20.43 -3.83 -26.49
N VAL C 142 19.40 -3.19 -27.03
CA VAL C 142 19.57 -2.28 -28.15
C VAL C 142 19.33 -0.86 -27.65
N PRO C 143 20.31 0.03 -27.76
CA PRO C 143 20.08 1.42 -27.37
C PRO C 143 19.39 2.19 -28.48
N GLY C 144 18.30 2.84 -28.13
CA GLY C 144 17.62 3.68 -29.09
C GLY C 144 16.72 2.99 -30.10
N LEU C 145 15.63 2.37 -29.65
CA LEU C 145 14.63 1.85 -30.56
C LEU C 145 13.29 2.54 -30.37
N THR C 146 12.70 2.98 -31.47
CA THR C 146 11.40 3.61 -31.53
C THR C 146 10.29 2.58 -31.76
N ALA C 147 9.11 3.08 -32.15
CA ALA C 147 7.97 2.19 -32.38
C ALA C 147 8.13 1.37 -33.65
N SER C 148 8.56 2.00 -34.75
CA SER C 148 8.67 1.27 -36.01
C SER C 148 9.85 0.32 -36.00
N LEU C 149 10.94 0.71 -35.35
CA LEU C 149 12.10 -0.14 -35.26
C LEU C 149 12.02 -1.12 -34.11
N GLN C 150 10.90 -1.16 -33.39
CA GLN C 150 10.70 -2.17 -32.36
C GLN C 150 10.61 -3.56 -32.96
N LEU C 151 9.97 -3.67 -34.12
CA LEU C 151 10.00 -4.86 -34.95
C LEU C 151 11.28 -4.85 -35.78
N GLN C 152 11.32 -5.72 -36.81
CA GLN C 152 12.47 -6.07 -37.65
C GLN C 152 13.54 -6.83 -36.86
N MET C 153 13.24 -7.22 -35.63
CA MET C 153 14.29 -7.70 -34.75
C MET C 153 14.47 -9.21 -34.84
N ASP C 154 15.73 -9.63 -34.74
CA ASP C 154 16.09 -11.01 -34.52
C ASP C 154 17.34 -11.01 -33.65
N TYR C 155 17.90 -12.19 -33.41
CA TYR C 155 19.13 -12.25 -32.63
C TYR C 155 20.31 -11.72 -33.44
N MET C 156 20.23 -11.79 -34.77
CA MET C 156 21.37 -11.42 -35.58
C MET C 156 21.57 -9.91 -35.62
N LYS C 157 20.49 -9.13 -35.69
CA LYS C 157 20.63 -7.69 -35.55
C LYS C 157 20.95 -7.30 -34.11
N LEU C 158 20.59 -8.16 -33.17
CA LEU C 158 20.87 -7.89 -31.76
C LEU C 158 22.35 -8.02 -31.45
N LYS C 159 23.03 -8.99 -32.05
CA LYS C 159 24.43 -9.26 -31.72
C LYS C 159 25.37 -8.16 -32.21
N SER C 160 24.88 -7.18 -32.95
CA SER C 160 25.63 -5.95 -33.15
C SER C 160 25.79 -5.19 -31.84
N SER C 161 24.70 -4.97 -31.13
CA SER C 161 24.70 -4.11 -29.96
C SER C 161 25.26 -4.86 -28.75
N SER C 162 25.08 -4.29 -27.56
CA SER C 162 25.50 -4.97 -26.35
C SER C 162 24.61 -6.17 -26.06
N TYR C 163 25.24 -7.33 -25.89
CA TYR C 163 24.48 -8.55 -25.70
C TYR C 163 25.24 -9.46 -24.75
N VAL C 164 24.50 -10.32 -24.07
CA VAL C 164 25.05 -11.24 -23.09
C VAL C 164 24.53 -12.64 -23.35
N VAL C 165 25.41 -13.57 -23.69
CA VAL C 165 25.00 -14.95 -23.90
C VAL C 165 25.10 -15.71 -22.60
N PHE C 166 24.03 -16.40 -22.23
CA PHE C 166 24.08 -17.17 -20.99
C PHE C 166 24.03 -18.66 -21.29
N ASP C 167 24.92 -19.39 -20.64
CA ASP C 167 25.08 -20.84 -20.76
C ASP C 167 24.36 -21.49 -19.59
N LEU C 168 23.09 -21.77 -19.79
CA LEU C 168 22.33 -22.56 -18.82
C LEU C 168 22.81 -24.00 -18.85
N GLN C 169 23.75 -24.34 -17.98
CA GLN C 169 24.08 -25.75 -17.83
C GLN C 169 23.87 -26.22 -16.39
N GLU C 170 24.54 -25.60 -15.43
CA GLU C 170 24.51 -26.07 -14.05
C GLU C 170 23.95 -25.01 -13.12
N SER C 171 24.52 -23.81 -13.17
CA SER C 171 23.89 -22.68 -12.49
C SER C 171 22.74 -22.15 -13.33
N ASN C 172 21.74 -21.61 -12.68
CA ASN C 172 20.50 -21.28 -13.36
C ASN C 172 20.00 -19.89 -12.99
N SER C 173 20.92 -18.94 -12.82
CA SER C 173 20.53 -17.62 -12.38
C SER C 173 21.60 -16.64 -12.78
N PHE C 174 21.21 -15.53 -13.39
CA PHE C 174 22.19 -14.48 -13.64
C PHE C 174 21.49 -13.14 -13.56
N THR C 175 22.26 -12.07 -13.75
CA THR C 175 21.74 -10.73 -13.52
C THR C 175 22.34 -9.80 -14.58
N PHE C 176 21.60 -9.61 -15.66
CA PHE C 176 22.07 -8.67 -16.66
C PHE C 176 21.86 -7.24 -16.19
N GLU C 177 22.97 -6.52 -16.05
CA GLU C 177 22.98 -5.14 -15.61
C GLU C 177 22.80 -4.28 -16.84
N VAL C 178 21.60 -3.74 -17.03
CA VAL C 178 21.22 -3.00 -18.23
C VAL C 178 21.99 -1.69 -18.29
N PRO C 179 22.68 -1.40 -19.39
CA PRO C 179 23.35 -0.11 -19.52
C PRO C 179 22.34 1.02 -19.68
N TYR C 180 22.69 2.17 -19.14
CA TYR C 180 21.93 3.38 -19.39
C TYR C 180 22.65 4.17 -20.47
N VAL C 181 22.21 4.01 -21.70
CA VAL C 181 22.83 4.64 -22.85
C VAL C 181 21.80 5.56 -23.47
N SER C 182 21.85 6.84 -23.14
CA SER C 182 20.95 7.78 -23.76
C SER C 182 21.71 9.07 -24.00
N TYR C 183 21.18 9.87 -24.91
CA TYR C 183 21.76 11.18 -25.15
C TYR C 183 21.51 12.13 -24.01
N ARG C 184 20.44 11.90 -23.27
CA ARG C 184 20.00 12.80 -22.23
C ARG C 184 20.55 12.30 -20.91
N PRO C 185 21.00 13.18 -20.00
CA PRO C 185 21.57 12.66 -18.73
C PRO C 185 20.54 12.00 -17.85
N TRP C 186 19.41 12.63 -17.66
CA TRP C 186 18.28 11.99 -17.01
C TRP C 186 17.37 11.46 -18.10
N TRP C 187 16.19 11.01 -17.73
CA TRP C 187 15.25 10.53 -18.73
C TRP C 187 13.84 10.68 -18.20
N VAL C 188 12.96 11.27 -19.01
CA VAL C 188 11.62 11.60 -18.57
C VAL C 188 10.81 10.33 -18.37
N ARG C 189 9.94 10.36 -17.34
CA ARG C 189 8.98 9.30 -17.03
C ARG C 189 8.18 8.85 -18.25
N LYS C 190 7.95 7.55 -18.34
CA LYS C 190 7.16 6.98 -19.44
C LYS C 190 5.72 7.46 -19.44
N TYR C 191 4.97 7.26 -18.36
CA TYR C 191 3.53 7.39 -18.43
C TYR C 191 3.09 8.84 -18.18
N GLY C 192 3.41 9.43 -17.04
CA GLY C 192 2.96 10.76 -16.73
C GLY C 192 1.55 10.76 -16.18
N GLY C 193 1.04 11.97 -15.93
CA GLY C 193 -0.33 12.14 -15.50
C GLY C 193 -1.32 11.81 -16.61
N ASN C 194 -2.58 12.16 -16.38
CA ASN C 194 -3.53 11.87 -17.44
C ASN C 194 -3.34 12.89 -18.55
N TYR C 195 -2.45 12.55 -19.47
CA TYR C 195 -1.95 13.45 -20.48
C TYR C 195 -1.43 12.55 -21.59
N SER C 199 3.96 10.80 -23.47
CA SER C 199 3.95 9.36 -23.27
C SER C 199 5.24 8.79 -23.84
N THR C 200 6.36 9.26 -23.29
CA THR C 200 7.68 8.99 -23.86
C THR C 200 8.06 7.53 -23.65
N ASP C 201 8.48 6.86 -24.72
CA ASP C 201 8.91 5.49 -24.59
C ASP C 201 10.30 5.39 -23.96
N ALA C 202 10.81 4.17 -23.90
CA ALA C 202 12.05 3.88 -23.19
C ALA C 202 13.25 4.44 -23.95
N PRO C 203 14.39 4.65 -23.27
CA PRO C 203 15.60 5.03 -23.99
C PRO C 203 16.14 3.94 -24.87
N SER C 204 15.76 2.70 -24.59
CA SER C 204 16.42 1.52 -25.11
C SER C 204 15.54 0.33 -24.79
N THR C 205 15.75 -0.77 -25.50
CA THR C 205 14.92 -1.94 -25.28
C THR C 205 15.77 -3.15 -25.00
N LEU C 206 15.32 -3.95 -24.04
CA LEU C 206 15.90 -5.26 -23.80
C LEU C 206 15.32 -6.23 -24.81
N PHE C 207 16.09 -7.27 -25.13
CA PHE C 207 15.54 -8.41 -25.84
C PHE C 207 16.08 -9.67 -25.19
N MET C 208 15.35 -10.77 -25.38
CA MET C 208 15.86 -12.05 -24.91
C MET C 208 15.48 -13.12 -25.93
N TYR C 209 16.48 -13.55 -26.69
CA TYR C 209 16.29 -14.57 -27.69
C TYR C 209 16.88 -15.90 -27.23
N VAL C 210 16.52 -16.96 -27.96
CA VAL C 210 16.98 -18.31 -27.65
C VAL C 210 18.12 -18.61 -28.65
N GLN C 211 19.36 -18.46 -28.17
CA GLN C 211 20.51 -18.65 -29.05
C GLN C 211 20.70 -20.11 -29.40
N VAL C 212 20.78 -20.98 -28.40
CA VAL C 212 20.81 -22.42 -28.65
C VAL C 212 19.56 -22.99 -28.01
N PRO C 213 18.77 -23.79 -28.73
CA PRO C 213 17.48 -24.22 -28.20
C PRO C 213 17.63 -25.22 -27.07
N LEU C 214 16.58 -25.34 -26.28
CA LEU C 214 16.58 -26.18 -25.09
C LEU C 214 16.69 -27.66 -25.45
N ILE C 215 17.66 -28.33 -24.84
CA ILE C 215 17.86 -29.76 -25.05
C ILE C 215 17.71 -30.48 -23.71
N PRO C 216 16.50 -30.93 -23.36
CA PRO C 216 16.34 -31.65 -22.09
C PRO C 216 16.57 -33.14 -22.28
N MET C 217 16.87 -33.81 -21.17
CA MET C 217 17.01 -35.25 -21.19
C MET C 217 15.62 -35.88 -21.26
N GLU C 218 15.55 -37.18 -21.59
CA GLU C 218 14.25 -37.80 -21.80
C GLU C 218 13.49 -38.01 -20.51
N ALA C 219 14.16 -37.93 -19.36
CA ALA C 219 13.51 -38.16 -18.09
C ALA C 219 13.01 -36.89 -17.43
N VAL C 220 13.19 -35.73 -18.06
CA VAL C 220 12.78 -34.46 -17.48
C VAL C 220 11.79 -33.77 -18.39
N SER C 221 11.42 -32.54 -18.02
CA SER C 221 10.31 -31.86 -18.64
C SER C 221 10.66 -31.35 -20.02
N ASP C 222 9.64 -30.92 -20.76
CA ASP C 222 9.86 -30.29 -22.05
C ASP C 222 10.07 -28.79 -21.90
N THR C 223 9.38 -28.17 -20.96
CA THR C 223 9.27 -26.73 -20.87
C THR C 223 9.91 -26.23 -19.58
N ILE C 224 10.51 -25.05 -19.67
CA ILE C 224 11.20 -24.40 -18.57
C ILE C 224 10.69 -22.98 -18.45
N ASP C 225 10.30 -22.59 -17.25
CA ASP C 225 9.84 -21.24 -17.04
C ASP C 225 10.95 -20.37 -16.47
N ILE C 226 11.01 -19.14 -16.94
CA ILE C 226 12.07 -18.20 -16.60
C ILE C 226 11.42 -17.08 -15.79
N ASN C 227 11.93 -16.83 -14.60
CA ASN C 227 11.49 -15.65 -13.88
C ASN C 227 12.39 -14.48 -14.23
N VAL C 228 11.78 -13.32 -14.41
CA VAL C 228 12.46 -12.10 -14.79
C VAL C 228 12.14 -11.07 -13.72
N TYR C 229 13.11 -10.82 -12.84
CA TYR C 229 13.03 -9.83 -11.78
C TYR C 229 13.71 -8.56 -12.24
N VAL C 230 13.22 -7.42 -11.76
CA VAL C 230 13.77 -6.12 -12.10
C VAL C 230 14.14 -5.36 -10.84
N ARG C 231 15.34 -4.81 -10.82
CA ARG C 231 15.82 -4.05 -9.67
C ARG C 231 16.55 -2.83 -10.18
N GLY C 232 16.42 -1.72 -9.46
CA GLY C 232 17.30 -0.60 -9.71
C GLY C 232 18.72 -0.96 -9.34
N GLY C 233 19.66 -0.58 -10.20
CA GLY C 233 21.04 -1.01 -10.07
C GLY C 233 21.77 -0.32 -8.95
N SER C 234 23.10 -0.47 -8.98
CA SER C 234 23.92 0.18 -7.97
C SER C 234 24.06 1.66 -8.23
N SER C 235 23.74 2.11 -9.44
CA SER C 235 23.85 3.51 -9.81
C SER C 235 22.51 4.15 -10.14
N PHE C 236 21.40 3.54 -9.73
CA PHE C 236 20.08 4.07 -10.06
C PHE C 236 19.77 5.28 -9.21
N GLU C 237 19.24 6.34 -9.85
CA GLU C 237 18.88 7.55 -9.12
C GLU C 237 17.85 8.34 -9.91
N VAL C 238 16.94 8.98 -9.16
CA VAL C 238 15.81 9.73 -9.70
C VAL C 238 15.85 11.13 -9.11
N CYS C 239 15.30 12.12 -9.81
CA CYS C 239 15.41 13.45 -9.21
C CYS C 239 14.13 14.24 -8.94
N VAL C 240 13.32 14.55 -9.94
CA VAL C 240 12.33 15.60 -9.72
C VAL C 240 11.01 15.01 -9.26
N PRO C 241 10.45 15.43 -8.14
CA PRO C 241 9.17 14.87 -7.66
C PRO C 241 8.00 15.52 -8.38
N VAL C 242 7.17 14.71 -9.00
CA VAL C 242 5.99 15.20 -9.70
C VAL C 242 4.77 14.39 -9.31
N GLN C 243 3.64 14.67 -9.97
CA GLN C 243 2.43 13.88 -9.83
C GLN C 243 2.71 12.42 -10.15
N PRO C 244 2.26 11.48 -9.32
CA PRO C 244 2.49 10.07 -9.62
C PRO C 244 1.71 9.65 -10.85
N SER C 245 2.29 8.73 -11.59
CA SER C 245 1.57 8.14 -12.70
C SER C 245 0.81 6.91 -12.28
N LEU C 246 0.94 6.49 -11.02
CA LEU C 246 0.31 5.28 -10.54
C LEU C 246 -0.56 5.58 -9.33
N GLY C 247 -1.72 4.95 -9.30
CA GLY C 247 -2.63 5.11 -8.19
C GLY C 247 -2.87 3.78 -7.52
N LEU C 248 -3.38 3.85 -6.29
CA LEU C 248 -3.58 2.64 -5.52
C LEU C 248 -4.82 1.90 -6.00
N ASN C 249 -4.93 0.64 -5.58
CA ASN C 249 -6.15 -0.13 -5.82
C ASN C 249 -7.04 -0.19 -4.60
N TRP C 250 -6.91 0.74 -3.67
CA TRP C 250 -7.76 0.73 -2.50
C TRP C 250 -9.17 1.17 -2.83
N ASN C 251 -9.32 2.02 -3.84
CA ASN C 251 -10.63 2.46 -4.29
C ASN C 251 -10.56 2.49 -5.81
N THR C 252 -10.90 1.35 -6.42
CA THR C 252 -10.85 1.24 -7.87
C THR C 252 -12.07 1.81 -8.55
N ASP C 253 -12.99 2.42 -7.81
CA ASP C 253 -14.13 3.08 -8.43
C ASP C 253 -13.67 4.32 -9.17
N PHE C 254 -14.06 4.41 -10.43
CA PHE C 254 -13.74 5.56 -11.26
C PHE C 254 -15.01 5.99 -11.96
N ILE C 255 -15.34 7.28 -11.83
CA ILE C 255 -16.61 7.80 -12.29
C ILE C 255 -16.35 8.66 -13.53
N LEU C 256 -16.81 8.17 -14.68
CA LEU C 256 -16.76 8.97 -15.89
C LEU C 256 -17.75 10.12 -15.82
N ARG C 257 -17.24 11.34 -15.93
CA ARG C 257 -18.12 12.48 -16.04
C ARG C 257 -18.25 12.86 -17.51
N TYR C 262 -27.92 15.38 -17.15
CA TYR C 262 -28.26 16.68 -16.61
C TYR C 262 -28.30 16.59 -15.09
N ARG C 263 -27.91 17.68 -14.44
CA ARG C 263 -27.79 17.71 -12.99
C ARG C 263 -27.85 19.17 -12.54
N ALA C 264 -27.54 19.38 -11.26
CA ALA C 264 -27.37 20.75 -10.76
C ALA C 264 -25.92 21.17 -10.90
N LYS C 265 -25.69 22.48 -10.74
CA LYS C 265 -24.33 22.98 -10.88
C LYS C 265 -23.49 22.60 -9.66
N THR C 266 -22.18 22.84 -9.78
CA THR C 266 -21.25 22.48 -8.74
C THR C 266 -21.40 23.41 -7.54
N GLY C 267 -21.78 22.83 -6.40
CA GLY C 267 -21.91 23.58 -5.18
C GLY C 267 -23.32 24.00 -4.82
N TYR C 268 -24.34 23.34 -5.36
CA TYR C 268 -25.72 23.61 -5.00
C TYR C 268 -26.45 22.38 -4.49
N ALA C 269 -25.78 21.25 -4.42
CA ALA C 269 -26.39 20.04 -3.91
C ALA C 269 -25.84 19.76 -2.52
N PRO C 270 -26.70 19.29 -1.59
CA PRO C 270 -28.13 19.01 -1.63
C PRO C 270 -29.04 20.23 -1.69
N TYR C 271 -30.28 20.01 -2.10
CA TYR C 271 -31.30 21.03 -2.25
C TYR C 271 -32.64 20.44 -1.84
N TYR C 272 -33.63 21.31 -1.68
CA TYR C 272 -34.95 20.91 -1.22
C TYR C 272 -35.97 21.93 -1.70
N ALA C 273 -37.22 21.51 -1.79
CA ALA C 273 -38.28 22.41 -2.27
C ALA C 273 -38.56 23.50 -1.25
N GLY C 274 -38.78 24.71 -1.73
CA GLY C 274 -38.98 25.83 -0.84
C GLY C 274 -39.61 26.98 -1.60
N VAL C 275 -39.47 28.19 -1.03
CA VAL C 275 -40.07 29.37 -1.63
C VAL C 275 -39.00 30.39 -1.98
N TRP C 276 -39.42 31.44 -2.69
CA TRP C 276 -38.51 32.50 -3.10
C TRP C 276 -39.34 33.76 -3.28
N HIS C 277 -38.83 34.89 -2.78
CA HIS C 277 -39.62 36.11 -2.72
C HIS C 277 -39.94 36.65 -4.10
N SER C 278 -39.07 36.43 -5.08
CA SER C 278 -39.36 36.89 -6.43
C SER C 278 -40.16 35.88 -7.24
N PHE C 279 -40.58 34.78 -6.63
CA PHE C 279 -41.19 33.67 -7.37
C PHE C 279 -42.67 33.61 -7.02
N SER C 284 -45.28 29.70 -4.69
CA SER C 284 -45.04 28.42 -5.32
C SER C 284 -43.64 27.94 -4.99
N LEU C 285 -43.32 26.74 -5.45
CA LEU C 285 -42.12 26.07 -5.01
C LEU C 285 -40.98 26.24 -5.99
N VAL C 286 -39.76 26.23 -5.45
CA VAL C 286 -38.52 26.27 -6.21
C VAL C 286 -37.44 25.71 -5.30
N PHE C 287 -36.47 25.01 -5.88
CA PHE C 287 -35.49 24.31 -5.07
C PHE C 287 -34.42 25.25 -4.54
N ARG C 288 -34.04 25.02 -3.30
CA ARG C 288 -33.15 25.87 -2.53
C ARG C 288 -32.04 25.02 -1.96
N TRP C 289 -30.82 25.55 -1.96
CA TRP C 289 -29.70 24.89 -1.33
C TRP C 289 -29.38 25.48 0.03
N GLY C 290 -30.17 26.44 0.49
CA GLY C 290 -29.92 27.04 1.78
C GLY C 290 -31.13 27.73 2.36
N SER C 291 -31.09 27.94 3.68
CA SER C 291 -32.22 28.56 4.36
C SER C 291 -32.17 30.08 4.29
N ALA C 292 -31.01 30.66 4.00
CA ALA C 292 -30.97 32.10 3.80
C ALA C 292 -31.56 32.45 2.45
N SER C 293 -31.99 33.70 2.31
CA SER C 293 -32.76 34.12 1.16
C SER C 293 -31.88 34.25 -0.08
N ASP C 294 -32.53 34.13 -1.24
CA ASP C 294 -31.91 34.17 -2.57
C ASP C 294 -30.80 33.14 -2.69
N GLN C 295 -31.11 31.91 -2.27
CA GLN C 295 -30.22 30.77 -2.34
C GLN C 295 -30.88 29.66 -3.12
N ILE C 296 -31.34 30.02 -4.31
CA ILE C 296 -31.90 29.05 -5.23
C ILE C 296 -30.77 28.21 -5.82
N ALA C 297 -31.04 26.92 -6.03
CA ALA C 297 -30.12 26.11 -6.79
C ALA C 297 -30.14 26.52 -8.25
N GLN C 298 -28.96 26.81 -8.80
CA GLN C 298 -28.84 27.21 -10.19
C GLN C 298 -28.71 25.99 -11.09
N TRP C 299 -29.18 26.12 -12.33
CA TRP C 299 -29.27 24.98 -13.21
C TRP C 299 -28.62 25.29 -14.55
N PRO C 300 -28.04 24.28 -15.21
CA PRO C 300 -27.45 24.52 -16.52
C PRO C 300 -28.50 24.73 -17.60
N THR C 301 -28.06 25.26 -18.73
CA THR C 301 -28.95 25.54 -19.84
C THR C 301 -29.00 24.34 -20.78
N ILE C 302 -30.19 23.77 -20.97
CA ILE C 302 -30.36 22.66 -21.90
C ILE C 302 -30.34 23.20 -23.32
N SER C 303 -29.51 22.59 -24.17
CA SER C 303 -29.44 22.97 -25.58
C SER C 303 -30.69 22.44 -26.28
N ALA C 310 -38.80 20.66 -23.76
CA ALA C 310 -38.10 19.75 -22.87
C ALA C 310 -38.54 19.96 -21.43
N PHE C 311 -38.58 18.86 -20.70
CA PHE C 311 -38.74 18.87 -19.25
C PHE C 311 -37.85 17.77 -18.69
N LEU C 312 -38.01 17.49 -17.40
CA LEU C 312 -37.08 16.59 -16.73
C LEU C 312 -37.81 15.47 -16.02
N ARG C 313 -37.19 14.29 -16.05
CA ARG C 313 -37.61 13.18 -15.19
C ARG C 313 -36.37 12.48 -14.69
N ILE C 314 -36.29 12.30 -13.37
CA ILE C 314 -35.07 11.80 -12.75
C ILE C 314 -34.95 10.30 -13.00
N LYS C 315 -33.76 9.76 -12.81
CA LYS C 315 -33.52 8.33 -13.01
C LYS C 315 -33.54 7.53 -11.71
N ASP C 316 -33.61 8.17 -10.56
CA ASP C 316 -33.60 7.46 -9.28
C ASP C 316 -34.58 8.11 -8.34
N GLN C 319 -33.22 9.22 -4.55
CA GLN C 319 -32.37 10.39 -4.45
C GLN C 319 -33.13 11.70 -4.60
N ALA C 320 -34.45 11.65 -4.81
CA ALA C 320 -35.24 12.87 -4.93
C ALA C 320 -35.47 13.48 -3.56
N ALA C 321 -35.80 14.77 -3.55
CA ALA C 321 -36.13 15.44 -2.30
C ALA C 321 -37.51 14.98 -1.82
N VAL C 322 -37.69 14.94 -0.51
CA VAL C 322 -38.93 14.49 0.09
C VAL C 322 -39.69 15.71 0.58
N GLY C 323 -40.72 16.11 -0.15
CA GLY C 323 -41.69 17.06 0.32
C GLY C 323 -42.85 16.34 0.98
N THR C 324 -44.05 16.83 0.72
CA THR C 324 -45.23 16.04 1.02
C THR C 324 -45.34 14.86 0.06
N GLN C 325 -44.98 15.07 -1.19
CA GLN C 325 -44.80 14.04 -2.21
C GLN C 325 -43.41 14.15 -2.78
N PRO C 326 -42.78 13.03 -3.14
CA PRO C 326 -41.43 13.11 -3.73
C PRO C 326 -41.47 13.75 -5.11
N TRP C 327 -40.38 14.42 -5.46
CA TRP C 327 -40.33 15.33 -6.59
C TRP C 327 -39.40 14.76 -7.65
N ARG C 328 -39.98 14.29 -8.75
CA ARG C 328 -39.20 13.64 -9.81
C ARG C 328 -39.37 14.32 -11.16
N THR C 329 -40.08 15.45 -11.22
CA THR C 329 -40.18 16.24 -12.44
C THR C 329 -39.85 17.69 -12.12
N MET C 330 -39.22 18.37 -13.07
CA MET C 330 -38.80 19.75 -12.84
C MET C 330 -38.70 20.46 -14.19
N VAL C 331 -39.02 21.75 -14.20
CA VAL C 331 -38.97 22.56 -15.40
C VAL C 331 -37.92 23.64 -15.20
N VAL C 332 -36.88 23.60 -16.03
CA VAL C 332 -35.79 24.56 -15.94
C VAL C 332 -36.16 25.79 -16.74
N TRP C 333 -35.99 26.97 -16.13
CA TRP C 333 -36.30 28.20 -16.84
C TRP C 333 -35.48 29.33 -16.24
N PRO C 334 -35.06 30.32 -17.04
CA PRO C 334 -34.34 31.48 -16.48
C PRO C 334 -35.16 32.25 -15.47
N SER C 335 -34.46 32.78 -14.46
CA SER C 335 -35.07 33.43 -13.31
C SER C 335 -35.34 34.91 -13.53
N GLY C 336 -34.80 35.50 -14.59
CA GLY C 336 -34.80 36.94 -14.64
C GLY C 336 -33.73 37.56 -13.79
N HIS C 337 -32.74 36.79 -13.36
CA HIS C 337 -31.67 37.27 -12.50
C HIS C 337 -30.33 36.68 -12.91
N TYR C 339 -29.74 33.35 -14.04
CA TYR C 339 -29.55 31.92 -13.86
C TYR C 339 -30.87 31.19 -14.05
N ASN C 340 -30.78 29.86 -14.07
CA ASN C 340 -31.93 29.00 -14.34
C ASN C 340 -32.44 28.44 -13.02
N ILE C 341 -33.68 28.80 -12.66
CA ILE C 341 -34.34 28.12 -11.57
C ILE C 341 -34.95 26.82 -12.07
N GLY C 342 -35.15 25.89 -11.14
CA GLY C 342 -35.82 24.65 -11.42
C GLY C 342 -37.14 24.58 -10.68
N ILE C 343 -38.24 24.58 -11.42
CA ILE C 343 -39.58 24.68 -10.84
C ILE C 343 -40.16 23.27 -10.78
N PRO C 344 -40.44 22.74 -9.59
CA PRO C 344 -40.99 21.38 -9.51
C PRO C 344 -42.44 21.34 -9.94
N GLU C 367 -50.27 34.32 -17.20
CA GLU C 367 -51.22 33.58 -16.38
C GLU C 367 -51.22 32.09 -16.69
N LYS C 368 -50.88 31.71 -17.93
CA LYS C 368 -50.83 30.29 -18.29
C LYS C 368 -49.73 29.56 -17.54
N ALA C 369 -48.67 30.27 -17.15
CA ALA C 369 -47.63 29.67 -16.33
C ALA C 369 -48.05 29.61 -14.87
N LYS C 370 -48.72 30.65 -14.37
CA LYS C 370 -49.05 30.70 -12.96
C LYS C 370 -50.19 29.76 -12.62
N GLN C 371 -51.03 29.41 -13.59
CA GLN C 371 -52.04 28.39 -13.35
C GLN C 371 -51.44 27.00 -13.24
N LEU C 372 -50.31 26.76 -13.90
CA LEU C 372 -49.69 25.44 -13.90
C LEU C 372 -48.69 25.24 -12.77
N PHE C 373 -48.50 26.24 -11.91
CA PHE C 373 -47.55 26.10 -10.81
C PHE C 373 -48.07 25.18 -9.71
N VAL C 374 -47.17 24.83 -8.80
CA VAL C 374 -47.49 23.93 -7.69
C VAL C 374 -47.54 24.76 -6.40
N PRO C 375 -48.58 24.61 -5.58
CA PRO C 375 -48.72 25.46 -4.39
C PRO C 375 -47.74 25.09 -3.28
N ALA C 376 -47.56 26.03 -2.35
CA ALA C 376 -46.50 25.96 -1.35
C ALA C 376 -46.84 25.01 -0.20
N ASN C 377 -48.12 24.67 -0.03
CA ASN C 377 -48.53 23.74 1.02
C ASN C 377 -48.00 22.33 0.82
N GLN C 378 -47.58 21.99 -0.40
CA GLN C 378 -46.89 20.74 -0.69
C GLN C 378 -45.40 20.79 -0.35
N GLN C 379 -44.94 21.85 0.32
CA GLN C 379 -43.54 21.91 0.72
C GLN C 379 -43.21 20.89 1.79
N GLY C 380 -43.95 20.90 2.89
CA GLY C 380 -43.82 19.88 3.90
C GLY C 380 -42.55 19.99 4.72
N PRO C 381 -41.84 18.87 4.86
CA PRO C 381 -40.68 18.85 5.75
C PRO C 381 -39.46 19.54 5.17
N GLY C 382 -39.35 19.60 3.85
CA GLY C 382 -38.15 20.14 3.24
C GLY C 382 -36.96 19.22 3.29
N LYS C 383 -37.17 17.91 3.19
CA LYS C 383 -36.07 16.96 3.27
C LYS C 383 -35.24 17.01 1.99
N VAL C 384 -33.92 17.04 2.16
CA VAL C 384 -33.03 17.36 1.05
C VAL C 384 -32.90 16.18 0.10
N SER C 385 -32.41 16.46 -1.11
CA SER C 385 -32.17 15.41 -2.07
C SER C 385 -30.80 14.78 -1.86
N ASN C 386 -30.67 13.52 -2.22
CA ASN C 386 -29.47 12.76 -1.96
C ASN C 386 -28.43 13.09 -3.04
N GLY C 387 -27.51 14.00 -2.73
CA GLY C 387 -26.45 14.32 -3.66
C GLY C 387 -26.94 15.15 -4.83
N ASN C 388 -26.23 15.05 -5.94
CA ASN C 388 -26.57 15.73 -7.19
C ASN C 388 -26.97 14.65 -8.20
N PRO C 389 -28.25 14.29 -8.23
CA PRO C 389 -28.66 13.09 -8.97
C PRO C 389 -28.67 13.31 -10.48
N TRP C 391 -30.13 14.40 -14.19
CA TRP C 391 -31.57 14.27 -14.14
C TRP C 391 -32.07 13.54 -15.39
N GLU C 392 -33.26 13.91 -15.84
CA GLU C 392 -33.87 13.30 -17.02
C GLU C 392 -34.18 14.37 -18.05
N VAL C 393 -33.70 14.18 -19.27
CA VAL C 393 -33.94 15.13 -20.35
C VAL C 393 -35.09 14.65 -21.21
N MET C 394 -36.31 14.69 -20.69
CA MET C 394 -37.45 14.24 -21.45
C MET C 394 -37.78 15.26 -22.52
N ARG C 395 -37.66 14.86 -23.78
CA ARG C 395 -37.87 15.73 -24.91
C ARG C 395 -39.15 15.33 -25.62
N ALA C 396 -39.94 16.32 -26.02
CA ALA C 396 -41.12 16.10 -26.83
C ALA C 396 -41.22 17.21 -27.85
N PRO C 397 -41.72 16.93 -29.05
CA PRO C 397 -41.85 18.01 -30.04
C PRO C 397 -42.97 18.98 -29.66
N1 U5P D . 14.74 30.09 12.82
C2 U5P D . 14.14 29.95 11.59
N3 U5P D . 12.86 30.40 11.51
C4 U5P D . 12.12 30.96 12.53
C5 U5P D . 12.80 31.07 13.78
C6 U5P D . 14.06 30.63 13.88
O2 U5P D . 14.73 29.47 10.65
O4 U5P D . 10.97 31.30 12.29
C1' U5P D . 16.12 29.60 12.94
C2' U5P D . 17.12 30.64 13.43
O2' U5P D . 17.58 31.47 12.40
C3' U5P D . 18.20 29.73 14.04
C4' U5P D . 17.39 28.58 14.62
O3' U5P D . 19.04 29.24 13.00
O4' U5P D . 16.13 28.56 13.91
C5' U5P D . 17.13 28.64 16.11
O5' U5P D . 16.23 29.69 16.47
P U5P D . 16.24 30.31 17.94
O2P U5P D . 15.75 31.71 17.86
O3P U5P D . 17.56 30.04 18.54
#